data_4XSP
#
_entry.id   4XSP
#
_cell.length_a   78.883
_cell.length_b   133.223
_cell.length_c   143.019
_cell.angle_alpha   90.00
_cell.angle_beta   90.00
_cell.angle_gamma   90.00
#
_symmetry.space_group_name_H-M   'C 2 2 21'
#
loop_
_entity.id
_entity.type
_entity.pdbx_description
1 polymer 'Alr3699 protein'
2 non-polymer GLYCEROL
3 non-polymer "URIDINE-5'-DIPHOSPHATE"
4 water water
#
_entity_poly.entity_id   1
_entity_poly.type   'polypeptide(L)'
_entity_poly.pdbx_seq_one_letter_code
;HHHHHHMKILFLDQSGKPGGAELCLIDIAKPYRDRALVGLFADGAFKTLLEQHHIPVEVFTNQPIQVRKQSNLLQAFGSL
GQLAPLVAKVVQTAHEYDLIYANTQKALVVGAIASFIARRPLVYHLHDILSPEHFSQTNLRVAVNLANRFASLVIANSQA
SQTAFIQAGGRAELTKVIYNGFDINLYKTSPSDISKLRQQLGVANNFVVGHFSRLSPWKGQHILIDALAQCPPQVTAILV
GDALFGEQDYVKELHQQITRLGLENRVKFLGFRADIPQLMAACDLVAHTSTAPEPFGRVIVEAMLCGKPVVAAKAGGAME
LVEHGVNGFLTTPGESQELANIINTCIEDTQKTATIASNAQAIASQRFDVVTINQQIAETLSSLGFTR
;
_entity_poly.pdbx_strand_id   B,A
#
loop_
_chem_comp.id
_chem_comp.type
_chem_comp.name
_chem_comp.formula
GOL non-polymer GLYCEROL 'C3 H8 O3'
UDP RNA linking URIDINE-5'-DIPHOSPHATE 'C9 H14 N2 O12 P2'
#
# COMPACT_ATOMS: atom_id res chain seq x y z
N MET A 7 2.67 -15.33 21.20
CA MET A 7 2.39 -14.11 20.37
C MET A 7 3.72 -13.38 20.12
N LYS A 8 4.12 -13.28 18.85
CA LYS A 8 5.21 -12.38 18.45
C LYS A 8 4.66 -11.08 17.85
N ILE A 9 5.16 -9.96 18.32
CA ILE A 9 4.65 -8.67 17.87
C ILE A 9 5.65 -7.94 16.98
N LEU A 10 5.12 -7.41 15.88
CA LEU A 10 5.87 -6.52 15.03
C LEU A 10 5.39 -5.12 15.30
N PHE A 11 6.23 -4.37 16.02
CA PHE A 11 5.96 -2.97 16.28
C PHE A 11 6.48 -2.18 15.08
N LEU A 12 5.82 -1.07 14.76
CA LEU A 12 6.26 -0.20 13.70
C LEU A 12 6.17 1.24 14.16
N ASP A 13 7.22 1.99 13.86
CA ASP A 13 7.30 3.40 14.23
C ASP A 13 8.05 4.19 13.14
N GLN A 14 7.50 5.31 12.68
CA GLN A 14 8.12 6.02 11.57
C GLN A 14 9.46 6.67 11.87
N SER A 15 9.66 7.09 13.11
CA SER A 15 10.80 7.94 13.49
C SER A 15 12.08 7.19 13.92
N GLY A 16 13.24 7.75 13.57
CA GLY A 16 14.54 7.31 14.12
C GLY A 16 14.91 8.10 15.39
N LYS A 17 14.14 9.14 15.70
CA LYS A 17 14.39 10.03 16.84
C LYS A 17 13.51 9.66 18.06
N PRO A 18 14.06 9.74 19.28
CA PRO A 18 13.32 9.30 20.46
C PRO A 18 12.34 10.32 21.00
N GLY A 19 11.23 10.53 20.30
CA GLY A 19 10.13 11.33 20.81
C GLY A 19 9.39 10.61 21.94
N GLY A 20 8.33 11.22 22.42
CA GLY A 20 7.56 10.66 23.50
C GLY A 20 6.93 9.33 23.15
N ALA A 21 6.41 9.23 21.94
CA ALA A 21 5.79 8.02 21.44
C ALA A 21 6.82 6.92 21.34
N GLU A 22 8.03 7.30 20.96
CA GLU A 22 9.10 6.33 20.76
C GLU A 22 9.64 5.85 22.09
N LEU A 23 9.76 6.78 23.03
CA LEU A 23 10.17 6.43 24.38
C LEU A 23 9.10 5.58 25.08
N CYS A 24 7.84 5.89 24.82
CA CYS A 24 6.74 5.08 25.35
C CYS A 24 6.83 3.67 24.76
N LEU A 25 7.23 3.56 23.50
CA LEU A 25 7.30 2.25 22.86
C LEU A 25 8.37 1.36 23.51
N ILE A 26 9.40 1.97 24.10
CA ILE A 26 10.44 1.18 24.81
C ILE A 26 9.81 0.42 25.98
N ASP A 27 8.98 1.12 26.74
CA ASP A 27 8.31 0.51 27.90
C ASP A 27 7.32 -0.53 27.44
N ILE A 28 6.62 -0.21 26.35
CA ILE A 28 5.62 -1.09 25.81
C ILE A 28 6.29 -2.38 25.33
N ALA A 29 7.38 -2.27 24.60
CA ALA A 29 8.00 -3.44 24.01
C ALA A 29 8.82 -4.32 24.96
N LYS A 30 9.32 -3.76 26.07
CA LYS A 30 10.22 -4.54 26.95
C LYS A 30 9.71 -5.91 27.40
N PRO A 31 8.44 -6.03 27.87
CA PRO A 31 7.98 -7.34 28.26
C PRO A 31 7.88 -8.34 27.13
N TYR A 32 8.06 -7.89 25.87
CA TYR A 32 7.93 -8.77 24.69
C TYR A 32 9.24 -8.93 23.91
N ARG A 33 10.34 -8.43 24.46
CA ARG A 33 11.55 -8.27 23.66
C ARG A 33 12.20 -9.59 23.23
N ASP A 34 11.82 -10.69 23.84
CA ASP A 34 12.28 -11.97 23.36
C ASP A 34 11.41 -12.49 22.20
N ARG A 35 10.36 -11.76 21.86
CA ARG A 35 9.41 -12.19 20.85
C ARG A 35 8.81 -10.97 20.19
N ALA A 36 9.67 -10.05 19.81
CA ALA A 36 9.22 -8.89 19.12
C ALA A 36 10.28 -8.32 18.24
N LEU A 37 9.85 -7.40 17.38
CA LEU A 37 10.75 -6.58 16.59
C LEU A 37 10.15 -5.23 16.43
N VAL A 38 10.98 -4.22 16.57
CA VAL A 38 10.59 -2.89 16.21
C VAL A 38 11.10 -2.51 14.83
N GLY A 39 10.16 -2.17 13.97
CA GLY A 39 10.47 -1.69 12.64
C GLY A 39 10.40 -0.17 12.60
N LEU A 40 11.49 0.44 12.14
CA LEU A 40 11.56 1.88 11.95
C LEU A 40 11.59 2.20 10.46
N PHE A 41 11.03 3.34 10.09
CA PHE A 41 11.04 3.82 8.71
C PHE A 41 12.16 4.85 8.46
N ALA A 42 13.05 5.00 9.43
CA ALA A 42 14.22 5.86 9.33
C ALA A 42 15.18 5.49 10.47
N ASP A 43 16.48 5.54 10.20
CA ASP A 43 17.49 5.33 11.25
C ASP A 43 17.63 6.58 12.12
N GLY A 44 18.32 6.43 13.24
CA GLY A 44 18.58 7.55 14.15
C GLY A 44 18.89 7.04 15.55
N ALA A 45 18.80 7.94 16.52
CA ALA A 45 19.11 7.63 17.91
C ALA A 45 18.13 6.63 18.54
N PHE A 46 16.86 6.70 18.14
CA PHE A 46 15.87 5.76 18.67
C PHE A 46 16.36 4.34 18.45
N LYS A 47 16.87 4.07 17.27
CA LYS A 47 17.49 2.77 16.96
C LYS A 47 18.59 2.37 17.93
N THR A 48 19.42 3.34 18.31
CA THR A 48 20.47 3.09 19.30
C THR A 48 19.86 2.76 20.66
N LEU A 49 18.83 3.51 21.05
CA LEU A 49 18.18 3.30 22.35
C LEU A 49 17.52 1.94 22.49
N LEU A 50 16.92 1.46 21.39
CA LEU A 50 16.36 0.11 21.34
C LEU A 50 17.42 -0.93 21.52
N GLU A 51 18.55 -0.70 20.89
CA GLU A 51 19.67 -1.61 21.01
C GLU A 51 20.20 -1.62 22.45
N GLN A 52 20.32 -0.44 23.03
CA GLN A 52 20.65 -0.34 24.47
C GLN A 52 19.73 -1.21 25.34
N HIS A 53 18.45 -1.33 24.97
CA HIS A 53 17.53 -2.11 25.80
C HIS A 53 17.31 -3.54 25.33
N HIS A 54 18.14 -4.02 24.41
CA HIS A 54 17.99 -5.39 23.87
C HIS A 54 16.61 -5.66 23.23
N ILE A 55 16.04 -4.62 22.62
CA ILE A 55 14.80 -4.72 21.89
C ILE A 55 15.22 -4.81 20.42
N PRO A 56 15.06 -6.00 19.80
CA PRO A 56 15.44 -6.17 18.40
C PRO A 56 14.82 -5.06 17.54
N VAL A 57 15.62 -4.51 16.64
CA VAL A 57 15.23 -3.36 15.83
C VAL A 57 15.71 -3.56 14.38
N GLU A 58 15.04 -2.90 13.45
CA GLU A 58 15.34 -3.03 12.03
C GLU A 58 14.76 -1.84 11.27
N VAL A 59 15.57 -1.25 10.38
CA VAL A 59 15.12 -0.10 9.58
C VAL A 59 14.66 -0.55 8.20
N PHE A 60 13.43 -0.21 7.85
CA PHE A 60 12.86 -0.58 6.57
C PHE A 60 12.90 0.63 5.63
N THR A 61 13.43 0.42 4.44
CA THR A 61 13.55 1.51 3.46
C THR A 61 12.87 1.13 2.14
N ASN A 62 12.88 2.06 1.19
CA ASN A 62 12.36 1.82 -0.15
C ASN A 62 13.38 1.40 -1.22
N GLN A 63 14.64 1.24 -0.85
CA GLN A 63 15.59 0.65 -1.79
C GLN A 63 15.11 -0.80 -2.09
N PRO A 64 15.60 -1.41 -3.19
CA PRO A 64 15.03 -2.70 -3.56
C PRO A 64 15.92 -3.90 -3.26
N SER A 79 5.90 -9.63 -6.07
CA SER A 79 5.64 -8.58 -7.07
C SER A 79 5.50 -7.19 -6.44
N LEU A 80 4.98 -7.15 -5.22
CA LEU A 80 4.96 -5.91 -4.42
C LEU A 80 6.38 -5.44 -4.01
N GLY A 81 7.33 -6.37 -3.97
CA GLY A 81 8.74 -6.03 -3.76
C GLY A 81 9.23 -4.95 -4.71
N GLN A 82 8.76 -4.99 -5.94
CA GLN A 82 9.12 -4.01 -6.94
C GLN A 82 8.17 -2.81 -6.90
N LEU A 83 6.89 -3.08 -6.62
CA LEU A 83 5.87 -2.04 -6.73
C LEU A 83 5.95 -1.08 -5.56
N ALA A 84 6.27 -1.60 -4.38
CA ALA A 84 6.36 -0.78 -3.14
C ALA A 84 7.28 -1.47 -2.12
N PRO A 85 8.60 -1.28 -2.27
CA PRO A 85 9.60 -2.11 -1.54
C PRO A 85 9.46 -2.06 -0.02
N LEU A 86 9.36 -0.85 0.51
CA LEU A 86 9.13 -0.65 1.92
C LEU A 86 7.94 -1.52 2.40
N VAL A 87 6.74 -1.31 1.83
CA VAL A 87 5.55 -2.10 2.20
C VAL A 87 5.84 -3.58 2.09
N ALA A 88 6.50 -3.98 1.01
CA ALA A 88 6.79 -5.38 0.75
C ALA A 88 7.66 -6.02 1.83
N LYS A 89 8.71 -5.31 2.25
CA LYS A 89 9.55 -5.79 3.35
C LYS A 89 8.76 -5.93 4.67
N VAL A 90 7.88 -4.98 4.96
CA VAL A 90 7.04 -5.04 6.17
C VAL A 90 6.12 -6.26 6.09
N VAL A 91 5.43 -6.40 4.97
CA VAL A 91 4.55 -7.56 4.77
C VAL A 91 5.27 -8.85 5.01
N GLN A 92 6.39 -8.98 4.32
CA GLN A 92 7.21 -10.17 4.38
C GLN A 92 7.64 -10.49 5.82
N THR A 93 8.19 -9.50 6.49
CA THR A 93 8.52 -9.66 7.91
C THR A 93 7.28 -10.03 8.75
N ALA A 94 6.18 -9.33 8.49
CA ALA A 94 4.95 -9.52 9.27
C ALA A 94 4.45 -10.96 9.29
N HIS A 95 4.79 -11.71 8.23
CA HIS A 95 4.47 -13.14 8.15
C HIS A 95 5.06 -13.90 9.34
N GLU A 96 6.20 -13.44 9.84
CA GLU A 96 6.89 -14.13 10.93
C GLU A 96 6.35 -13.76 12.30
N TYR A 97 5.37 -12.86 12.35
CA TYR A 97 4.88 -12.35 13.63
C TYR A 97 3.37 -12.53 13.68
N ASP A 98 2.77 -12.36 14.85
CA ASP A 98 1.35 -12.65 15.02
C ASP A 98 0.51 -11.40 15.07
N LEU A 99 1.14 -10.24 15.18
CA LEU A 99 0.41 -9.04 15.38
C LEU A 99 1.29 -7.90 14.99
N ILE A 100 0.69 -6.91 14.36
CA ILE A 100 1.31 -5.66 13.98
C ILE A 100 0.79 -4.55 14.86
N TYR A 101 1.74 -3.86 15.49
CA TYR A 101 1.43 -2.82 16.46
C TYR A 101 2.01 -1.51 15.98
N ALA A 102 1.19 -0.70 15.36
CA ALA A 102 1.64 0.51 14.72
C ALA A 102 1.60 1.68 15.72
N ASN A 103 2.72 2.32 15.91
CA ASN A 103 2.88 3.29 16.97
C ASN A 103 2.82 4.75 16.49
N THR A 104 2.75 4.95 15.17
CA THR A 104 2.65 6.29 14.59
C THR A 104 1.78 6.31 13.33
N GLN A 105 1.43 7.51 12.87
CA GLN A 105 0.62 7.71 11.67
C GLN A 105 1.06 6.96 10.43
N LYS A 106 2.29 7.21 9.99
CA LYS A 106 2.83 6.49 8.85
C LYS A 106 2.90 4.99 9.08
N ALA A 107 3.14 4.57 10.33
CA ALA A 107 3.28 3.12 10.61
C ALA A 107 1.90 2.47 10.49
N LEU A 108 0.90 3.24 10.85
CA LEU A 108 -0.51 2.87 10.64
C LEU A 108 -0.84 2.65 9.16
N VAL A 109 -0.48 3.62 8.32
CA VAL A 109 -0.71 3.53 6.86
C VAL A 109 -0.07 2.28 6.34
N VAL A 110 1.23 2.16 6.56
CA VAL A 110 1.94 0.97 6.14
C VAL A 110 1.40 -0.28 6.82
N GLY A 111 1.15 -0.21 8.13
CA GLY A 111 0.79 -1.41 8.89
C GLY A 111 -0.54 -1.98 8.47
N ALA A 112 -1.50 -1.11 8.16
CA ALA A 112 -2.81 -1.53 7.65
C ALA A 112 -2.66 -2.29 6.33
N ILE A 113 -1.81 -1.78 5.45
CA ILE A 113 -1.54 -2.47 4.18
C ILE A 113 -0.97 -3.84 4.47
N ALA A 114 0.03 -3.89 5.33
CA ALA A 114 0.67 -5.15 5.67
C ALA A 114 -0.27 -6.10 6.41
N SER A 115 -1.22 -5.51 7.15
CA SER A 115 -2.10 -6.30 7.99
C SER A 115 -2.99 -7.28 7.19
N PHE A 116 -3.68 -6.78 6.18
CA PHE A 116 -4.48 -7.74 5.39
C PHE A 116 -3.64 -8.67 4.49
N ILE A 117 -2.57 -8.16 3.85
CA ILE A 117 -1.79 -8.98 2.90
C ILE A 117 -1.11 -10.09 3.65
N ALA A 118 -0.48 -9.78 4.78
CA ALA A 118 0.12 -10.85 5.58
C ALA A 118 -0.93 -11.57 6.38
N ARG A 119 -2.13 -11.00 6.46
CA ARG A 119 -3.24 -11.55 7.26
C ARG A 119 -2.89 -11.62 8.75
N ARG A 120 -2.60 -10.46 9.32
CA ARG A 120 -2.31 -10.37 10.75
C ARG A 120 -3.13 -9.25 11.36
N PRO A 121 -3.58 -9.44 12.59
CA PRO A 121 -4.29 -8.35 13.24
C PRO A 121 -3.39 -7.15 13.45
N LEU A 122 -4.03 -5.98 13.52
CA LEU A 122 -3.37 -4.70 13.63
C LEU A 122 -3.90 -3.97 14.83
N VAL A 123 -2.98 -3.37 15.57
CA VAL A 123 -3.29 -2.45 16.65
C VAL A 123 -2.69 -1.11 16.33
N TYR A 124 -3.47 -0.06 16.49
CA TYR A 124 -2.94 1.28 16.34
C TYR A 124 -2.82 1.90 17.74
N HIS A 125 -1.63 2.33 18.11
CA HIS A 125 -1.43 3.06 19.36
C HIS A 125 -1.29 4.52 19.00
N LEU A 126 -2.32 5.27 19.34
CA LEU A 126 -2.46 6.64 18.96
C LEU A 126 -1.87 7.52 20.06
N HIS A 127 -0.74 8.15 19.76
CA HIS A 127 -0.07 9.04 20.72
C HIS A 127 -0.33 10.52 20.39
N ASP A 128 -1.14 10.82 19.38
CA ASP A 128 -1.30 12.20 18.89
C ASP A 128 -2.73 12.68 19.04
N ILE A 129 -2.87 13.97 19.25
CA ILE A 129 -4.13 14.63 19.09
C ILE A 129 -4.28 14.89 17.58
N LEU A 130 -5.17 14.16 16.92
CA LEU A 130 -5.38 14.29 15.45
C LEU A 130 -6.20 15.58 15.16
N SER A 131 -5.52 16.71 15.26
CA SER A 131 -6.16 18.00 15.14
C SER A 131 -6.02 18.48 13.69
N PRO A 132 -7.14 18.92 13.08
CA PRO A 132 -7.08 19.52 11.74
C PRO A 132 -6.35 20.88 11.75
N GLU A 133 -5.89 21.28 12.94
CA GLU A 133 -5.08 22.47 13.14
C GLU A 133 -3.59 22.13 13.04
N HIS A 134 -3.25 20.83 13.04
CA HIS A 134 -1.86 20.36 12.93
C HIS A 134 -1.63 19.14 12.04
N PHE A 135 -2.67 18.67 11.37
CA PHE A 135 -2.52 17.64 10.34
C PHE A 135 -3.44 18.03 9.21
N SER A 136 -2.97 17.85 7.99
CA SER A 136 -3.79 18.09 6.81
C SER A 136 -4.98 17.14 6.83
N GLN A 137 -6.09 17.59 6.25
CA GLN A 137 -7.33 16.80 6.21
C GLN A 137 -7.20 15.45 5.47
N THR A 138 -6.23 15.32 4.56
CA THR A 138 -6.01 14.04 3.85
C THR A 138 -5.31 13.01 4.74
N ASN A 139 -4.27 13.45 5.46
CA ASN A 139 -3.60 12.57 6.41
C ASN A 139 -4.52 12.12 7.52
N LEU A 140 -5.44 13.01 7.91
CA LEU A 140 -6.47 12.69 8.90
C LEU A 140 -7.48 11.71 8.33
N ARG A 141 -7.94 11.96 7.12
CA ARG A 141 -8.92 11.06 6.50
C ARG A 141 -8.32 9.67 6.26
N VAL A 142 -7.08 9.65 5.80
CA VAL A 142 -6.41 8.42 5.48
C VAL A 142 -6.12 7.60 6.72
N ALA A 143 -5.56 8.22 7.75
CA ALA A 143 -5.32 7.54 9.04
C ALA A 143 -6.62 6.97 9.64
N VAL A 144 -7.65 7.82 9.69
CA VAL A 144 -8.95 7.46 10.27
C VAL A 144 -9.65 6.34 9.46
N ASN A 145 -9.63 6.46 8.14
CA ASN A 145 -10.18 5.42 7.26
C ASN A 145 -9.45 4.06 7.43
N LEU A 146 -8.14 4.08 7.38
CA LEU A 146 -7.38 2.85 7.54
C LEU A 146 -7.60 2.20 8.90
N ALA A 147 -7.59 3.01 9.96
CA ALA A 147 -7.79 2.50 11.31
C ALA A 147 -9.15 1.91 11.40
N ASN A 148 -10.13 2.66 10.95
CA ASN A 148 -11.49 2.22 11.06
C ASN A 148 -11.68 0.93 10.37
N ARG A 149 -11.00 0.74 9.25
CA ARG A 149 -11.26 -0.48 8.48
C ARG A 149 -10.38 -1.67 8.86
N PHE A 150 -9.14 -1.40 9.29
CA PHE A 150 -8.20 -2.48 9.50
C PHE A 150 -7.73 -2.68 10.92
N ALA A 151 -7.85 -1.66 11.78
CA ALA A 151 -7.44 -1.84 13.17
C ALA A 151 -8.45 -2.68 13.94
N SER A 152 -7.98 -3.77 14.54
CA SER A 152 -8.75 -4.46 15.56
C SER A 152 -8.89 -3.58 16.80
N LEU A 153 -7.98 -2.64 16.99
CA LEU A 153 -8.00 -1.89 18.24
C LEU A 153 -7.20 -0.62 18.07
N VAL A 154 -7.73 0.47 18.61
CA VAL A 154 -7.01 1.74 18.64
C VAL A 154 -6.77 2.11 20.12
N ILE A 155 -5.51 2.04 20.55
CA ILE A 155 -5.12 2.49 21.91
C ILE A 155 -4.81 3.98 21.87
N ALA A 156 -5.55 4.76 22.64
CA ALA A 156 -5.29 6.19 22.76
C ALA A 156 -4.55 6.46 24.07
N ASN A 157 -3.55 7.34 24.00
CA ASN A 157 -2.73 7.63 25.17
C ASN A 157 -3.48 8.55 26.17
N SER A 158 -4.66 9.05 25.78
CA SER A 158 -5.49 9.92 26.62
C SER A 158 -6.92 10.06 26.10
N GLN A 159 -7.83 10.54 26.95
CA GLN A 159 -9.17 10.90 26.48
C GLN A 159 -9.16 12.02 25.46
N ALA A 160 -8.20 12.95 25.57
CA ALA A 160 -7.97 14.00 24.53
C ALA A 160 -7.71 13.42 23.14
N SER A 161 -6.77 12.47 23.07
CA SER A 161 -6.47 11.75 21.86
C SER A 161 -7.68 10.97 21.37
N GLN A 162 -8.31 10.22 22.28
CA GLN A 162 -9.47 9.44 21.97
C GLN A 162 -10.55 10.28 21.31
N THR A 163 -10.87 11.42 21.92
CA THR A 163 -11.99 12.24 21.42
C THR A 163 -11.67 12.96 20.12
N ALA A 164 -10.41 13.32 19.90
CA ALA A 164 -10.01 13.96 18.64
C ALA A 164 -10.08 12.93 17.49
N PHE A 165 -9.64 11.69 17.77
CA PHE A 165 -9.81 10.58 16.82
C PHE A 165 -11.27 10.43 16.38
N ILE A 166 -12.17 10.47 17.34
CA ILE A 166 -13.61 10.29 17.08
C ILE A 166 -14.19 11.50 16.35
N GLN A 167 -13.72 12.70 16.66
CA GLN A 167 -14.19 13.92 15.98
C GLN A 167 -13.69 13.99 14.55
N ALA A 168 -12.58 13.33 14.26
CA ALA A 168 -12.09 13.18 12.90
C ALA A 168 -12.85 12.09 12.16
N GLY A 169 -13.80 11.44 12.81
CA GLY A 169 -14.54 10.37 12.18
C GLY A 169 -14.05 8.99 12.61
N GLY A 170 -13.20 8.90 13.62
CA GLY A 170 -12.77 7.59 14.12
C GLY A 170 -13.90 6.84 14.76
N ARG A 171 -13.92 5.53 14.57
CA ARG A 171 -14.88 4.61 15.20
C ARG A 171 -14.62 4.49 16.72
N ALA A 172 -15.53 5.08 17.47
CA ALA A 172 -15.41 5.23 18.89
C ALA A 172 -15.27 3.84 19.54
N GLU A 173 -16.03 2.87 19.06
CA GLU A 173 -16.03 1.56 19.62
C GLU A 173 -14.73 0.81 19.43
N LEU A 174 -13.86 1.33 18.59
CA LEU A 174 -12.58 0.72 18.42
C LEU A 174 -11.55 1.16 19.49
N THR A 175 -11.86 2.23 20.24
CA THR A 175 -10.84 2.88 21.08
C THR A 175 -10.83 2.38 22.53
N LYS A 176 -9.64 2.33 23.09
CA LYS A 176 -9.42 2.16 24.50
C LYS A 176 -8.31 3.12 24.95
N VAL A 177 -8.54 3.87 26.03
CA VAL A 177 -7.53 4.73 26.58
C VAL A 177 -6.60 3.88 27.48
N ILE A 178 -5.30 3.95 27.22
CA ILE A 178 -4.28 3.40 28.08
C ILE A 178 -3.18 4.45 28.20
N TYR A 179 -2.97 4.95 29.43
CA TYR A 179 -1.98 6.02 29.67
C TYR A 179 -0.58 5.46 29.58
N ASN A 180 0.40 6.35 29.45
CA ASN A 180 1.79 5.97 29.48
C ASN A 180 2.13 5.49 30.89
N GLY A 181 3.07 4.57 30.98
CA GLY A 181 3.46 4.05 32.28
C GLY A 181 4.86 4.48 32.67
N PHE A 182 5.10 4.56 33.98
CA PHE A 182 6.39 4.97 34.52
C PHE A 182 6.85 4.02 35.60
N ASP A 183 8.16 3.86 35.68
CA ASP A 183 8.79 3.16 36.76
C ASP A 183 8.78 4.09 37.97
N ILE A 184 7.90 3.81 38.91
CA ILE A 184 7.56 4.67 40.02
C ILE A 184 8.77 5.06 40.87
N ASN A 185 9.62 4.09 41.10
CA ASN A 185 10.65 4.20 42.08
C ASN A 185 11.83 5.03 41.53
N LEU A 186 11.85 5.23 40.22
CA LEU A 186 12.85 6.13 39.65
C LEU A 186 12.63 7.58 40.05
N TYR A 187 11.45 7.91 40.56
CA TYR A 187 11.17 9.33 40.80
C TYR A 187 11.32 9.71 42.27
N LYS A 188 12.01 8.86 43.02
CA LYS A 188 12.25 9.01 44.45
C LYS A 188 13.67 9.48 44.69
N THR A 189 13.83 10.61 45.35
CA THR A 189 15.15 11.20 45.60
C THR A 189 15.21 11.54 47.09
N SER A 190 16.32 11.19 47.73
CA SER A 190 16.56 11.50 49.15
C SER A 190 16.70 13.01 49.42
N PRO A 191 16.27 13.47 50.60
CA PRO A 191 16.46 14.87 50.99
C PRO A 191 17.93 15.34 50.96
N SER A 192 18.88 14.43 51.16
CA SER A 192 20.28 14.78 51.12
C SER A 192 20.85 15.01 49.73
N ASP A 193 20.40 14.24 48.74
CA ASP A 193 20.68 14.58 47.35
C ASP A 193 19.99 15.87 46.96
N ILE A 194 18.76 16.06 47.43
CA ILE A 194 18.00 17.27 47.13
C ILE A 194 18.76 18.51 47.62
N SER A 195 19.13 18.53 48.91
CA SER A 195 19.89 19.64 49.49
C SER A 195 21.19 19.88 48.76
N LYS A 196 21.95 18.81 48.58
CA LYS A 196 23.23 18.89 47.88
C LYS A 196 23.10 19.44 46.44
N LEU A 197 22.07 18.99 45.71
CA LEU A 197 21.82 19.47 44.34
C LEU A 197 21.36 20.95 44.31
N ARG A 198 20.49 21.33 45.23
CA ARG A 198 20.14 22.76 45.40
C ARG A 198 21.36 23.67 45.73
N GLN A 199 22.27 23.14 46.54
CA GLN A 199 23.50 23.80 46.89
C GLN A 199 24.38 23.96 45.65
N GLN A 200 24.66 22.87 44.95
CA GLN A 200 25.46 22.99 43.73
C GLN A 200 24.89 23.91 42.64
N LEU A 201 23.57 24.03 42.58
CA LEU A 201 22.90 24.90 41.62
C LEU A 201 22.79 26.32 42.14
N GLY A 202 23.00 26.48 43.44
CA GLY A 202 22.99 27.79 44.07
C GLY A 202 21.59 28.32 44.29
N VAL A 203 20.63 27.43 44.51
CA VAL A 203 19.24 27.85 44.68
C VAL A 203 18.71 27.50 46.07
N ALA A 204 19.63 27.12 46.95
CA ALA A 204 19.27 26.70 48.31
C ALA A 204 18.23 27.62 48.95
N ASN A 205 18.37 28.92 48.78
CA ASN A 205 17.48 29.85 49.47
C ASN A 205 16.33 30.36 48.63
N ASN A 206 16.15 29.80 47.45
CA ASN A 206 15.11 30.23 46.53
C ASN A 206 13.86 29.34 46.54
N PHE A 207 12.73 29.91 46.15
CA PHE A 207 11.58 29.14 45.68
C PHE A 207 11.79 28.83 44.19
N VAL A 208 12.12 27.57 43.90
CA VAL A 208 12.50 27.18 42.55
C VAL A 208 11.37 26.62 41.72
N VAL A 209 11.02 27.35 40.65
CA VAL A 209 10.11 26.86 39.66
C VAL A 209 10.88 26.28 38.49
N GLY A 210 10.75 24.97 38.29
CA GLY A 210 11.43 24.27 37.20
C GLY A 210 10.57 24.03 35.97
N HIS A 211 11.18 24.16 34.80
CA HIS A 211 10.52 23.96 33.51
C HIS A 211 11.40 22.99 32.77
N PHE A 212 10.82 21.91 32.26
CA PHE A 212 11.60 20.76 31.81
C PHE A 212 11.21 20.37 30.42
N SER A 213 11.65 21.13 29.45
CA SER A 213 11.47 20.74 28.06
C SER A 213 12.43 21.52 27.22
N ARG A 214 12.56 21.12 25.96
CA ARG A 214 13.42 21.83 25.04
C ARG A 214 12.83 23.19 24.76
N LEU A 215 13.71 24.12 24.37
CA LEU A 215 13.35 25.53 24.28
C LEU A 215 12.58 25.74 23.01
N SER A 216 11.29 25.89 23.18
CA SER A 216 10.43 26.02 22.05
C SER A 216 9.22 26.89 22.36
N PRO A 217 8.77 27.66 21.36
CA PRO A 217 7.67 28.56 21.59
C PRO A 217 6.38 27.86 22.04
N TRP A 218 6.08 26.70 21.46
CA TRP A 218 4.90 25.95 21.90
C TRP A 218 5.04 25.39 23.35
N LYS A 219 6.28 25.24 23.83
CA LYS A 219 6.52 24.80 25.23
C LYS A 219 6.40 25.92 26.26
N GLY A 220 6.38 27.17 25.78
CA GLY A 220 5.91 28.32 26.55
C GLY A 220 6.80 28.81 27.67
N GLN A 221 8.11 28.63 27.56
CA GLN A 221 9.03 29.13 28.57
C GLN A 221 8.81 30.63 28.84
N HIS A 222 8.50 31.38 27.78
CA HIS A 222 8.32 32.81 27.84
C HIS A 222 7.17 33.14 28.76
N ILE A 223 6.20 32.24 28.83
CA ILE A 223 5.08 32.41 29.76
C ILE A 223 5.55 32.39 31.23
N LEU A 224 6.43 31.46 31.55
CA LEU A 224 6.95 31.35 32.90
C LEU A 224 7.72 32.60 33.28
N ILE A 225 8.52 33.04 32.32
CA ILE A 225 9.32 34.25 32.49
C ILE A 225 8.44 35.49 32.74
N ASP A 226 7.40 35.72 31.94
CA ASP A 226 6.50 36.83 32.26
C ASP A 226 5.88 36.69 33.64
N ALA A 227 5.51 35.46 34.05
CA ALA A 227 4.98 35.23 35.39
C ALA A 227 6.01 35.50 36.48
N LEU A 228 7.26 35.16 36.20
CA LEU A 228 8.32 35.47 37.16
C LEU A 228 8.34 36.94 37.59
N ALA A 229 8.03 37.81 36.64
CA ALA A 229 8.00 39.27 36.87
C ALA A 229 6.91 39.68 37.86
N GLN A 230 5.84 38.89 37.95
CA GLN A 230 4.78 39.12 38.93
C GLN A 230 5.01 38.35 40.24
N CYS A 231 6.26 37.99 40.53
CA CYS A 231 6.59 37.15 41.64
C CYS A 231 7.68 37.77 42.51
N PRO A 232 7.64 37.54 43.83
CA PRO A 232 8.71 37.97 44.75
C PRO A 232 10.11 37.54 44.33
N PRO A 233 11.12 38.32 44.74
CA PRO A 233 12.49 38.11 44.24
C PRO A 233 13.10 36.77 44.63
N GLN A 234 12.65 36.12 45.68
CA GLN A 234 13.19 34.80 46.01
C GLN A 234 12.73 33.70 45.00
N VAL A 235 11.71 33.97 44.18
CA VAL A 235 11.28 33.05 43.12
C VAL A 235 12.27 33.14 41.98
N THR A 236 12.96 32.03 41.74
CA THR A 236 13.79 31.86 40.58
C THR A 236 13.23 30.72 39.75
N ALA A 237 13.62 30.70 38.49
CA ALA A 237 13.26 29.60 37.64
C ALA A 237 14.50 28.91 37.11
N ILE A 238 14.42 27.60 36.94
CA ILE A 238 15.44 26.87 36.17
C ILE A 238 14.82 26.31 34.90
N LEU A 239 15.45 26.60 33.76
CA LEU A 239 14.99 26.11 32.47
C LEU A 239 15.89 24.98 32.07
N VAL A 240 15.31 23.78 31.94
CA VAL A 240 16.07 22.59 31.71
C VAL A 240 15.70 22.02 30.36
N GLY A 241 16.70 21.98 29.48
CA GLY A 241 16.52 21.57 28.10
C GLY A 241 17.46 22.34 27.19
N ASP A 242 17.65 21.80 25.99
CA ASP A 242 18.51 22.38 24.96
C ASP A 242 17.62 22.93 23.85
N ALA A 243 18.26 23.42 22.80
CA ALA A 243 17.58 24.16 21.76
C ALA A 243 17.72 23.41 20.47
N LEU A 244 16.68 23.47 19.63
CA LEU A 244 16.77 22.84 18.33
C LEU A 244 17.24 23.90 17.33
N PHE A 245 17.98 23.43 16.31
CA PHE A 245 18.42 24.26 15.19
C PHE A 245 17.26 25.15 14.72
N GLY A 246 16.08 24.57 14.55
CA GLY A 246 14.94 25.34 14.06
C GLY A 246 14.33 26.40 14.98
N GLU A 247 14.69 26.38 16.26
CA GLU A 247 14.05 27.29 17.21
C GLU A 247 15.07 28.25 17.83
N GLN A 248 16.07 28.64 17.02
CA GLN A 248 17.11 29.55 17.48
C GLN A 248 16.62 30.96 17.68
N ASP A 249 15.73 31.45 16.85
CA ASP A 249 15.14 32.76 17.10
C ASP A 249 14.48 32.80 18.50
N TYR A 250 13.82 31.71 18.89
CA TYR A 250 13.15 31.63 20.18
C TYR A 250 14.09 31.79 21.34
N VAL A 251 15.26 31.16 21.25
CA VAL A 251 16.22 31.19 22.34
C VAL A 251 16.68 32.62 22.58
N LYS A 252 17.03 33.33 21.53
CA LYS A 252 17.45 34.73 21.66
C LYS A 252 16.32 35.60 22.21
N GLU A 253 15.09 35.38 21.74
CA GLU A 253 13.91 36.04 22.28
C GLU A 253 13.76 35.82 23.79
N LEU A 254 14.09 34.62 24.29
CA LEU A 254 14.04 34.33 25.74
C LEU A 254 15.07 35.15 26.47
N HIS A 255 16.32 35.09 26.05
CA HIS A 255 17.35 35.86 26.70
C HIS A 255 16.96 37.37 26.74
N GLN A 256 16.46 37.88 25.63
CA GLN A 256 16.14 39.31 25.55
C GLN A 256 15.00 39.63 26.48
N GLN A 257 13.98 38.77 26.49
CA GLN A 257 12.84 38.94 27.38
C GLN A 257 13.34 39.00 28.82
N ILE A 258 14.26 38.11 29.17
CA ILE A 258 14.73 38.01 30.53
C ILE A 258 15.47 39.30 30.98
N THR A 259 16.32 39.79 30.09
CA THR A 259 17.02 41.06 30.33
C THR A 259 16.02 42.24 30.36
N ARG A 260 15.13 42.33 29.38
CA ARG A 260 14.14 43.41 29.40
C ARG A 260 13.35 43.52 30.72
N LEU A 261 12.94 42.38 31.30
CA LEU A 261 12.19 42.37 32.57
C LEU A 261 13.10 42.47 33.81
N GLY A 262 14.40 42.45 33.60
CA GLY A 262 15.37 42.51 34.68
C GLY A 262 15.43 41.25 35.50
N LEU A 263 15.27 40.09 34.85
CA LEU A 263 15.18 38.79 35.54
C LEU A 263 16.43 37.94 35.42
N GLU A 264 17.52 38.54 34.95
CA GLU A 264 18.70 37.79 34.57
C GLU A 264 19.35 37.04 35.72
N ASN A 265 19.12 37.47 36.95
CA ASN A 265 19.65 36.75 38.10
C ASN A 265 18.57 35.84 38.78
N ARG A 266 17.47 35.63 38.09
CA ARG A 266 16.38 34.85 38.64
C ARG A 266 15.94 33.75 37.64
N VAL A 267 16.80 33.49 36.66
CA VAL A 267 16.59 32.46 35.65
C VAL A 267 17.92 31.82 35.39
N LYS A 268 17.97 30.49 35.43
CA LYS A 268 19.19 29.74 35.14
C LYS A 268 18.91 28.72 34.05
N PHE A 269 19.68 28.76 32.97
CA PHE A 269 19.54 27.77 31.92
C PHE A 269 20.54 26.69 32.30
N LEU A 270 20.08 25.47 32.51
CA LEU A 270 20.96 24.33 32.84
C LEU A 270 21.34 23.49 31.61
N GLY A 271 20.69 23.75 30.49
CA GLY A 271 20.90 22.98 29.28
C GLY A 271 20.26 21.61 29.38
N PHE A 272 20.66 20.71 28.49
CA PHE A 272 20.10 19.39 28.52
C PHE A 272 20.63 18.60 29.71
N ARG A 273 19.72 17.91 30.40
CA ARG A 273 20.02 17.12 31.59
C ARG A 273 19.37 15.74 31.54
N ALA A 274 20.08 14.71 31.97
CA ALA A 274 19.55 13.36 32.01
C ALA A 274 18.89 13.05 33.38
N ASP A 275 19.33 13.76 34.42
CA ASP A 275 18.83 13.59 35.79
C ASP A 275 17.54 14.39 36.11
N ILE A 276 16.53 14.23 35.30
CA ILE A 276 15.30 14.96 35.48
C ILE A 276 14.59 14.72 36.81
N PRO A 277 14.42 13.44 37.21
CA PRO A 277 13.81 13.16 38.52
C PRO A 277 14.49 13.91 39.67
N GLN A 278 15.81 13.97 39.65
CA GLN A 278 16.56 14.67 40.69
C GLN A 278 16.33 16.18 40.63
N LEU A 279 16.40 16.77 39.44
CA LEU A 279 16.16 18.22 39.33
C LEU A 279 14.74 18.60 39.67
N MET A 280 13.78 17.70 39.39
CA MET A 280 12.40 17.96 39.79
C MET A 280 12.32 18.05 41.30
N ALA A 281 13.04 17.18 41.98
CA ALA A 281 13.00 17.11 43.43
C ALA A 281 13.62 18.36 44.05
N ALA A 282 14.64 18.91 43.39
CA ALA A 282 15.24 20.18 43.84
C ALA A 282 14.31 21.39 43.61
N CYS A 283 13.31 21.25 42.77
CA CYS A 283 12.36 22.35 42.58
C CYS A 283 11.40 22.44 43.73
N ASP A 284 10.68 23.55 43.80
CA ASP A 284 9.57 23.68 44.73
C ASP A 284 8.24 23.63 44.01
N LEU A 285 8.27 23.98 42.73
CA LEU A 285 7.16 23.86 41.84
C LEU A 285 7.71 23.45 40.48
N VAL A 286 6.96 22.63 39.75
CA VAL A 286 7.29 22.28 38.41
C VAL A 286 6.21 22.88 37.56
N ALA A 287 6.61 23.58 36.49
CA ALA A 287 5.66 24.32 35.66
C ALA A 287 5.64 23.79 34.25
N HIS A 288 4.45 23.38 33.85
CA HIS A 288 4.15 23.01 32.48
C HIS A 288 3.35 24.20 31.94
N THR A 289 3.85 24.81 30.88
CA THR A 289 3.26 26.07 30.38
C THR A 289 3.07 26.06 28.86
N SER A 290 2.95 24.86 28.29
CA SER A 290 2.80 24.75 26.85
C SER A 290 1.63 25.62 26.33
N THR A 291 1.77 26.11 25.10
CA THR A 291 0.80 27.05 24.56
C THR A 291 -0.16 26.37 23.62
N ALA A 292 0.14 25.13 23.26
CA ALA A 292 -0.74 24.34 22.39
C ALA A 292 -1.11 23.03 23.09
N PRO A 293 -2.37 22.55 22.93
CA PRO A 293 -2.78 21.31 23.59
C PRO A 293 -1.89 20.12 23.26
N GLU A 294 -1.52 19.37 24.28
CA GLU A 294 -0.72 18.15 24.10
C GLU A 294 -1.52 16.90 24.48
N PRO A 295 -1.19 15.77 23.85
CA PRO A 295 -1.95 14.54 24.10
C PRO A 295 -1.77 13.97 25.50
N PHE A 296 -0.53 14.03 26.01
CA PHE A 296 -0.13 13.43 27.29
C PHE A 296 1.16 14.05 27.82
N GLY A 297 1.04 14.85 28.86
CA GLY A 297 2.19 15.50 29.46
C GLY A 297 3.04 14.58 30.31
N ARG A 298 4.04 13.96 29.70
CA ARG A 298 4.95 13.12 30.45
C ARG A 298 5.56 13.89 31.62
N VAL A 299 5.89 15.15 31.42
CA VAL A 299 6.54 15.96 32.46
C VAL A 299 5.61 16.17 33.66
N ILE A 300 4.31 16.25 33.40
CA ILE A 300 3.36 16.50 34.43
C ILE A 300 3.32 15.29 35.37
N VAL A 301 3.17 14.10 34.79
CA VAL A 301 3.18 12.84 35.53
C VAL A 301 4.48 12.65 36.31
N GLU A 302 5.61 12.92 35.67
CA GLU A 302 6.93 12.79 36.34
C GLU A 302 7.05 13.70 37.54
N ALA A 303 6.48 14.90 37.44
CA ALA A 303 6.51 15.83 38.55
C ALA A 303 5.65 15.33 39.68
N MET A 304 4.49 14.78 39.34
CA MET A 304 3.62 14.15 40.32
C MET A 304 4.31 12.98 41.03
N LEU A 305 4.95 12.12 40.28
CA LEU A 305 5.66 10.97 40.85
C LEU A 305 6.85 11.39 41.71
N CYS A 306 7.40 12.57 41.44
CA CYS A 306 8.46 13.07 42.29
C CYS A 306 7.87 13.70 43.57
N GLY A 307 6.56 13.64 43.76
CA GLY A 307 5.94 14.26 44.92
C GLY A 307 6.12 15.78 44.95
N LYS A 308 6.01 16.41 43.79
CA LYS A 308 6.11 17.88 43.67
C LYS A 308 4.81 18.55 43.33
N PRO A 309 4.65 19.77 43.81
CA PRO A 309 3.57 20.54 43.24
C PRO A 309 3.83 20.77 41.74
N VAL A 310 2.77 20.73 40.96
CA VAL A 310 2.88 20.91 39.53
C VAL A 310 1.75 21.82 39.08
N VAL A 311 2.10 22.77 38.20
CA VAL A 311 1.12 23.64 37.55
C VAL A 311 1.21 23.29 36.08
N ALA A 312 0.06 23.17 35.43
CA ALA A 312 -0.01 22.78 34.05
C ALA A 312 -0.98 23.63 33.29
N ALA A 313 -0.74 23.77 31.98
CA ALA A 313 -1.65 24.51 31.14
C ALA A 313 -2.91 23.67 31.02
N LYS A 314 -4.05 24.34 31.15
CA LYS A 314 -5.33 23.67 31.09
C LYS A 314 -5.75 23.38 29.63
N ALA A 315 -5.15 22.34 29.05
CA ALA A 315 -5.57 21.88 27.72
C ALA A 315 -5.12 20.47 27.50
N GLY A 316 -5.72 19.82 26.54
CA GLY A 316 -5.28 18.53 26.10
C GLY A 316 -5.24 17.53 27.23
N GLY A 317 -4.18 16.74 27.26
CA GLY A 317 -4.07 15.62 28.20
C GLY A 317 -3.93 16.08 29.63
N ALA A 318 -3.29 17.25 29.83
CA ALA A 318 -3.09 17.82 31.16
C ALA A 318 -4.35 17.79 31.99
N MET A 319 -5.49 18.07 31.37
CA MET A 319 -6.72 18.19 32.10
C MET A 319 -7.13 16.88 32.78
N GLU A 320 -6.67 15.76 32.25
CA GLU A 320 -7.02 14.42 32.79
C GLU A 320 -6.05 14.02 33.88
N LEU A 321 -4.93 14.70 33.91
CA LEU A 321 -3.83 14.29 34.77
C LEU A 321 -3.97 14.98 36.12
N VAL A 322 -4.64 16.15 36.15
CA VAL A 322 -4.69 16.98 37.35
C VAL A 322 -6.11 17.34 37.74
N GLU A 323 -6.43 17.18 39.02
CA GLU A 323 -7.58 17.83 39.60
C GLU A 323 -7.09 19.09 40.32
N HIS A 324 -7.51 20.25 39.81
CA HIS A 324 -7.06 21.55 40.31
C HIS A 324 -7.28 21.71 41.79
N GLY A 325 -6.23 22.07 42.51
CA GLY A 325 -6.27 22.21 43.97
C GLY A 325 -6.16 20.90 44.77
N VAL A 326 -6.29 19.77 44.09
CA VAL A 326 -6.29 18.45 44.78
C VAL A 326 -4.90 17.86 44.68
N ASN A 327 -4.41 17.69 43.45
CA ASN A 327 -3.10 17.07 43.21
C ASN A 327 -2.20 17.83 42.24
N GLY A 328 -2.58 19.08 41.97
CA GLY A 328 -1.78 20.05 41.23
C GLY A 328 -2.66 21.22 40.82
N PHE A 329 -2.20 22.01 39.85
CA PHE A 329 -2.92 23.21 39.41
C PHE A 329 -2.98 23.32 37.90
N LEU A 330 -4.12 23.77 37.40
CA LEU A 330 -4.35 23.96 35.99
C LEU A 330 -4.63 25.45 35.78
N THR A 331 -3.96 26.06 34.79
CA THR A 331 -4.10 27.49 34.46
C THR A 331 -4.39 27.70 32.98
N THR A 332 -5.15 28.75 32.67
CA THR A 332 -5.49 29.02 31.28
C THR A 332 -4.21 29.09 30.45
N PRO A 333 -4.19 28.39 29.30
CA PRO A 333 -3.04 28.42 28.43
C PRO A 333 -2.73 29.83 27.96
N GLY A 334 -1.47 30.20 28.02
CA GLY A 334 -1.00 31.51 27.56
C GLY A 334 -1.13 32.62 28.56
N GLU A 335 -1.63 32.36 29.78
CA GLU A 335 -1.92 33.45 30.73
C GLU A 335 -0.97 33.49 31.94
N SER A 336 0.00 34.41 31.90
CA SER A 336 1.08 34.42 32.90
C SER A 336 0.65 34.92 34.27
N GLN A 337 -0.36 35.78 34.33
CA GLN A 337 -0.87 36.25 35.62
C GLN A 337 -1.57 35.15 36.43
N GLU A 338 -2.32 34.30 35.75
CA GLU A 338 -2.87 33.11 36.40
C GLU A 338 -1.72 32.22 36.95
N LEU A 339 -0.70 32.02 36.12
CA LEU A 339 0.45 31.23 36.50
C LEU A 339 1.11 31.85 37.70
N ALA A 340 1.30 33.18 37.66
CA ALA A 340 1.90 33.86 38.79
C ALA A 340 1.05 33.74 40.04
N ASN A 341 -0.26 33.81 39.89
CA ASN A 341 -1.15 33.64 41.03
C ASN A 341 -0.90 32.26 41.68
N ILE A 342 -0.86 31.21 40.88
CA ILE A 342 -0.54 29.88 41.40
C ILE A 342 0.79 29.81 42.12
N ILE A 343 1.85 30.37 41.51
CA ILE A 343 3.18 30.38 42.15
C ILE A 343 3.13 31.07 43.52
N ASN A 344 2.42 32.20 43.60
CA ASN A 344 2.31 32.94 44.88
C ASN A 344 1.47 32.20 45.92
N THR A 345 0.46 31.46 45.46
CA THR A 345 -0.32 30.60 46.35
C THR A 345 0.57 29.52 46.98
N CYS A 346 1.47 28.95 46.18
CA CYS A 346 2.37 27.93 46.68
C CYS A 346 3.33 28.45 47.76
N ILE A 347 3.78 29.69 47.58
CA ILE A 347 4.68 30.35 48.52
C ILE A 347 3.99 30.68 49.84
N GLU A 348 2.75 31.14 49.76
CA GLU A 348 2.00 31.60 50.92
C GLU A 348 1.34 30.47 51.75
N ASP A 349 0.92 29.37 51.11
CA ASP A 349 0.37 28.23 51.85
C ASP A 349 1.21 27.01 51.66
N THR A 350 2.27 26.93 52.43
CA THR A 350 3.21 25.85 52.33
C THR A 350 2.57 24.53 52.71
N GLN A 351 1.69 24.55 53.71
CA GLN A 351 1.09 23.33 54.21
C GLN A 351 0.15 22.75 53.13
N LYS A 352 -0.74 23.58 52.60
CA LYS A 352 -1.68 23.16 51.58
C LYS A 352 -0.91 22.60 50.40
N THR A 353 0.15 23.32 50.05
CA THR A 353 1.03 22.95 48.95
C THR A 353 1.71 21.58 49.14
N ALA A 354 2.29 21.32 50.31
CA ALA A 354 2.91 20.02 50.58
C ALA A 354 1.86 18.89 50.57
N THR A 355 0.62 19.21 50.93
CA THR A 355 -0.44 18.19 50.95
C THR A 355 -0.80 17.85 49.49
N ILE A 356 -0.98 18.88 48.66
CA ILE A 356 -1.24 18.70 47.25
C ILE A 356 -0.17 17.85 46.57
N ALA A 357 1.09 18.16 46.86
CA ALA A 357 2.23 17.42 46.33
C ALA A 357 2.29 15.94 46.79
N SER A 358 1.97 15.68 48.04
CA SER A 358 1.79 14.32 48.55
C SER A 358 0.60 13.62 47.87
N ASN A 359 -0.52 14.30 47.74
CA ASN A 359 -1.64 13.78 46.96
C ASN A 359 -1.27 13.41 45.54
N ALA A 360 -0.43 14.23 44.93
CA ALA A 360 0.04 14.00 43.57
C ALA A 360 0.80 12.67 43.45
N GLN A 361 1.76 12.46 44.34
CA GLN A 361 2.55 11.24 44.30
C GLN A 361 1.70 10.00 44.45
N ALA A 362 0.70 10.03 45.34
CA ALA A 362 -0.12 8.83 45.59
C ALA A 362 -1.00 8.53 44.37
N ILE A 363 -1.68 9.55 43.82
CA ILE A 363 -2.57 9.30 42.70
C ILE A 363 -1.80 8.89 41.41
N ALA A 364 -0.67 9.52 41.15
CA ALA A 364 0.15 9.16 40.01
C ALA A 364 0.74 7.76 40.10
N SER A 365 1.22 7.39 41.26
CA SER A 365 1.67 5.98 41.47
C SER A 365 0.56 4.95 41.20
N GLN A 366 -0.69 5.34 41.47
CA GLN A 366 -1.84 4.48 41.26
C GLN A 366 -2.18 4.39 39.75
N ARG A 367 -2.28 5.54 39.06
CA ARG A 367 -2.71 5.57 37.65
C ARG A 367 -1.63 5.28 36.62
N PHE A 368 -0.37 5.59 36.91
CA PHE A 368 0.65 5.60 35.85
C PHE A 368 1.81 4.68 36.15
N ASP A 369 1.61 3.77 37.09
CA ASP A 369 2.58 2.67 37.31
C ASP A 369 2.69 1.80 36.07
N VAL A 370 3.91 1.75 35.53
CA VAL A 370 4.20 0.90 34.38
C VAL A 370 3.79 -0.56 34.62
N VAL A 371 3.82 -1.05 35.85
CA VAL A 371 3.40 -2.42 36.13
C VAL A 371 1.92 -2.59 35.76
N THR A 372 1.09 -1.68 36.21
CA THR A 372 -0.35 -1.65 35.90
C THR A 372 -0.65 -1.43 34.41
N ILE A 373 0.03 -0.45 33.82
CA ILE A 373 -0.13 -0.12 32.39
C ILE A 373 0.24 -1.32 31.56
N ASN A 374 1.35 -1.97 31.88
CA ASN A 374 1.72 -3.18 31.14
C ASN A 374 0.66 -4.25 31.25
N GLN A 375 0.01 -4.37 32.42
CA GLN A 375 -1.08 -5.34 32.56
C GLN A 375 -2.24 -4.96 31.68
N GLN A 376 -2.54 -3.69 31.56
CA GLN A 376 -3.68 -3.25 30.71
C GLN A 376 -3.39 -3.58 29.26
N ILE A 377 -2.17 -3.29 28.84
CA ILE A 377 -1.72 -3.64 27.49
C ILE A 377 -1.82 -5.14 27.27
N ALA A 378 -1.22 -5.92 28.16
CA ALA A 378 -1.21 -7.38 28.00
C ALA A 378 -2.65 -7.92 27.91
N GLU A 379 -3.50 -7.49 28.82
CA GLU A 379 -4.91 -7.93 28.82
C GLU A 379 -5.58 -7.53 27.52
N THR A 380 -5.33 -6.30 27.10
CA THR A 380 -5.95 -5.80 25.92
C THR A 380 -5.49 -6.61 24.70
N LEU A 381 -4.20 -6.98 24.63
CA LEU A 381 -3.70 -7.79 23.53
C LEU A 381 -4.25 -9.20 23.53
N SER A 382 -4.54 -9.75 24.70
CA SER A 382 -4.94 -11.16 24.76
C SER A 382 -6.41 -11.30 24.36
N SER A 383 -7.20 -10.25 24.55
CA SER A 383 -8.59 -10.20 24.11
C SER A 383 -8.75 -10.16 22.59
N LEU A 384 -7.67 -9.97 21.85
CA LEU A 384 -7.69 -10.00 20.38
C LEU A 384 -7.50 -11.42 19.88
N HIS B 6 -20.84 9.89 -17.43
CA HIS B 6 -20.55 10.60 -16.14
C HIS B 6 -19.58 9.77 -15.26
N MET B 7 -19.75 8.44 -15.20
CA MET B 7 -18.74 7.55 -14.54
C MET B 7 -17.38 7.69 -15.29
N LYS B 8 -16.36 8.14 -14.57
CA LYS B 8 -14.98 8.19 -15.08
C LYS B 8 -14.20 7.00 -14.55
N ILE B 9 -13.46 6.35 -15.43
CA ILE B 9 -12.79 5.14 -15.12
C ILE B 9 -11.30 5.35 -15.16
N LEU B 10 -10.63 4.87 -14.12
CA LEU B 10 -9.18 4.80 -14.13
C LEU B 10 -8.82 3.38 -14.36
N PHE B 11 -8.36 3.09 -15.59
CA PHE B 11 -7.92 1.74 -15.98
C PHE B 11 -6.47 1.64 -15.57
N LEU B 12 -6.04 0.44 -15.21
CA LEU B 12 -4.64 0.24 -14.86
C LEU B 12 -4.11 -1.03 -15.47
N ASP B 13 -2.93 -0.94 -16.07
CA ASP B 13 -2.30 -2.08 -16.72
C ASP B 13 -0.78 -1.99 -16.49
N GLN B 14 -0.18 -3.10 -16.10
CA GLN B 14 1.21 -3.03 -15.72
C GLN B 14 2.16 -2.85 -16.88
N SER B 15 1.78 -3.35 -18.05
CA SER B 15 2.72 -3.55 -19.15
C SER B 15 2.68 -2.43 -20.17
N GLY B 16 3.86 -2.00 -20.62
CA GLY B 16 3.97 -1.01 -21.70
C GLY B 16 4.01 -1.62 -23.09
N LYS B 17 3.87 -2.95 -23.14
CA LYS B 17 3.89 -3.72 -24.37
C LYS B 17 2.47 -4.14 -24.79
N PRO B 18 2.15 -4.05 -26.09
CA PRO B 18 0.81 -4.44 -26.55
C PRO B 18 0.58 -5.94 -26.62
N GLY B 19 0.46 -6.60 -25.47
CA GLY B 19 -0.03 -7.99 -25.42
C GLY B 19 -1.55 -8.12 -25.63
N GLY B 20 -2.06 -9.35 -25.60
CA GLY B 20 -3.49 -9.64 -25.81
C GLY B 20 -4.41 -8.86 -24.88
N ALA B 21 -4.05 -8.81 -23.60
CA ALA B 21 -4.86 -8.13 -22.58
C ALA B 21 -4.84 -6.64 -22.83
N GLU B 22 -3.71 -6.14 -23.27
CA GLU B 22 -3.56 -4.75 -23.54
C GLU B 22 -4.36 -4.39 -24.79
N LEU B 23 -4.31 -5.25 -25.79
CA LEU B 23 -5.04 -5.02 -27.00
C LEU B 23 -6.53 -4.99 -26.66
N CYS B 24 -6.96 -5.96 -25.84
CA CYS B 24 -8.36 -6.02 -25.35
C CYS B 24 -8.77 -4.74 -24.67
N LEU B 25 -7.84 -4.16 -23.92
CA LEU B 25 -8.13 -2.93 -23.18
C LEU B 25 -8.38 -1.72 -24.08
N ILE B 26 -7.78 -1.71 -25.26
CA ILE B 26 -8.06 -0.68 -26.26
C ILE B 26 -9.57 -0.62 -26.48
N ASP B 27 -10.14 -1.81 -26.74
CA ASP B 27 -11.55 -1.99 -27.08
C ASP B 27 -12.45 -1.67 -25.89
N ILE B 28 -12.06 -2.12 -24.71
CA ILE B 28 -12.81 -1.85 -23.51
C ILE B 28 -12.87 -0.36 -23.25
N ALA B 29 -11.72 0.31 -23.35
CA ALA B 29 -11.63 1.71 -23.01
C ALA B 29 -12.26 2.68 -24.02
N LYS B 30 -12.34 2.30 -25.30
CA LYS B 30 -12.76 3.23 -26.35
C LYS B 30 -14.04 3.99 -26.06
N PRO B 31 -15.10 3.28 -25.64
CA PRO B 31 -16.32 4.02 -25.40
C PRO B 31 -16.23 4.99 -24.25
N TYR B 32 -15.18 4.90 -23.48
CA TYR B 32 -14.96 5.72 -22.32
C TYR B 32 -13.83 6.77 -22.47
N ARG B 33 -13.38 7.02 -23.66
CA ARG B 33 -12.20 7.81 -23.86
C ARG B 33 -12.30 9.26 -23.42
N ASP B 34 -13.49 9.82 -23.41
CA ASP B 34 -13.64 11.15 -22.96
C ASP B 34 -13.82 11.19 -21.46
N ARG B 35 -13.75 10.04 -20.83
CA ARG B 35 -13.94 10.01 -19.40
C ARG B 35 -13.16 8.88 -18.76
N ALA B 36 -11.95 8.71 -19.22
CA ALA B 36 -11.11 7.67 -18.69
C ALA B 36 -9.67 8.04 -18.81
N LEU B 37 -8.85 7.27 -18.11
CA LEU B 37 -7.42 7.34 -18.23
C LEU B 37 -6.89 5.92 -18.11
N VAL B 38 -5.90 5.56 -18.91
CA VAL B 38 -5.19 4.33 -18.70
C VAL B 38 -3.82 4.64 -18.07
N GLY B 39 -3.67 4.20 -16.82
CA GLY B 39 -2.41 4.29 -16.13
C GLY B 39 -1.58 3.06 -16.41
N LEU B 40 -0.36 3.26 -16.87
CA LEU B 40 0.53 2.14 -17.11
C LEU B 40 1.67 2.20 -16.09
N PHE B 41 2.28 1.06 -15.85
CA PHE B 41 3.41 0.97 -14.96
C PHE B 41 4.72 0.85 -15.73
N ALA B 42 4.66 0.80 -17.05
CA ALA B 42 5.85 0.88 -17.90
C ALA B 42 5.52 1.65 -19.19
N ASP B 43 6.50 2.38 -19.71
CA ASP B 43 6.35 3.04 -21.02
C ASP B 43 6.53 1.98 -22.06
N GLY B 44 6.20 2.29 -23.31
CA GLY B 44 6.35 1.33 -24.39
C GLY B 44 5.43 1.61 -25.56
N ALA B 45 5.36 0.65 -26.47
CA ALA B 45 4.55 0.80 -27.67
C ALA B 45 3.03 0.79 -27.37
N PHE B 46 2.60 0.02 -26.37
CA PHE B 46 1.20 0.12 -25.95
C PHE B 46 0.81 1.57 -25.63
N LYS B 47 1.72 2.33 -25.06
CA LYS B 47 1.43 3.74 -24.84
C LYS B 47 1.17 4.46 -26.17
N THR B 48 1.99 4.16 -27.18
CA THR B 48 1.84 4.78 -28.49
C THR B 48 0.45 4.48 -29.01
N LEU B 49 0.11 3.20 -29.02
CA LEU B 49 -1.20 2.75 -29.48
C LEU B 49 -2.36 3.48 -28.85
N LEU B 50 -2.31 3.64 -27.53
CA LEU B 50 -3.39 4.30 -26.81
C LEU B 50 -3.47 5.72 -27.31
N GLU B 51 -2.30 6.35 -27.47
CA GLU B 51 -2.24 7.70 -28.04
C GLU B 51 -2.80 7.73 -29.43
N GLN B 52 -2.48 6.74 -30.23
CA GLN B 52 -3.09 6.64 -31.56
C GLN B 52 -4.63 6.60 -31.49
N HIS B 53 -5.17 5.98 -30.46
CA HIS B 53 -6.61 5.81 -30.35
C HIS B 53 -7.27 6.93 -29.57
N HIS B 54 -6.48 7.96 -29.23
CA HIS B 54 -6.94 9.10 -28.43
C HIS B 54 -7.50 8.65 -27.09
N ILE B 55 -6.96 7.56 -26.58
CA ILE B 55 -7.22 7.15 -25.24
C ILE B 55 -6.18 7.78 -24.30
N PRO B 56 -6.63 8.66 -23.40
CA PRO B 56 -5.69 9.27 -22.49
C PRO B 56 -4.88 8.22 -21.75
N VAL B 57 -3.59 8.47 -21.65
CA VAL B 57 -2.68 7.53 -21.08
C VAL B 57 -1.52 8.22 -20.35
N GLU B 58 -1.05 7.57 -19.30
CA GLU B 58 0.01 8.11 -18.50
C GLU B 58 0.75 6.96 -17.84
N VAL B 59 2.05 7.16 -17.64
CA VAL B 59 2.93 6.18 -17.03
C VAL B 59 3.17 6.56 -15.56
N PHE B 60 2.98 5.57 -14.69
CA PHE B 60 3.14 5.73 -13.26
C PHE B 60 4.38 4.93 -12.83
N THR B 61 5.33 5.60 -12.22
CA THR B 61 6.56 4.97 -11.75
C THR B 61 6.73 5.08 -10.23
N ASN B 62 7.76 4.39 -9.73
CA ASN B 62 8.18 4.51 -8.34
C ASN B 62 9.06 5.75 -8.05
N GLN B 63 9.07 6.73 -8.93
CA GLN B 63 9.91 7.92 -8.73
C GLN B 63 9.33 8.93 -7.73
N PRO B 64 10.13 9.33 -6.71
CA PRO B 64 9.69 10.29 -5.67
C PRO B 64 9.08 11.60 -6.19
N SER B 79 2.28 11.99 2.83
CA SER B 79 3.00 11.01 3.63
C SER B 79 3.25 9.75 2.81
N LEU B 80 2.16 9.21 2.25
CA LEU B 80 2.24 8.09 1.32
C LEU B 80 3.15 8.40 0.12
N GLY B 81 3.19 9.68 -0.28
CA GLY B 81 4.07 10.14 -1.36
C GLY B 81 5.45 9.53 -1.28
N GLN B 82 6.04 9.56 -0.10
CA GLN B 82 7.40 9.04 0.06
C GLN B 82 7.43 7.56 0.44
N LEU B 83 6.47 7.11 1.24
CA LEU B 83 6.40 5.69 1.66
C LEU B 83 6.26 4.71 0.46
N ALA B 84 5.44 5.10 -0.51
CA ALA B 84 5.16 4.25 -1.68
C ALA B 84 4.71 5.14 -2.84
N PRO B 85 5.66 5.67 -3.63
CA PRO B 85 5.41 6.67 -4.68
C PRO B 85 4.34 6.23 -5.70
N LEU B 86 4.55 5.07 -6.32
CA LEU B 86 3.63 4.48 -7.30
C LEU B 86 2.19 4.46 -6.76
N VAL B 87 2.01 3.77 -5.64
CA VAL B 87 0.68 3.67 -5.04
C VAL B 87 0.12 5.03 -4.75
N ALA B 88 0.97 5.93 -4.24
CA ALA B 88 0.49 7.26 -3.89
C ALA B 88 -0.03 8.02 -5.11
N LYS B 89 0.68 7.89 -6.21
CA LYS B 89 0.30 8.57 -7.46
C LYS B 89 -1.05 8.03 -7.96
N VAL B 90 -1.18 6.72 -7.93
CA VAL B 90 -2.42 6.06 -8.29
C VAL B 90 -3.54 6.51 -7.40
N VAL B 91 -3.29 6.50 -6.09
CA VAL B 91 -4.30 6.93 -5.11
C VAL B 91 -4.80 8.32 -5.43
N GLN B 92 -3.88 9.23 -5.73
CA GLN B 92 -4.27 10.63 -5.93
C GLN B 92 -5.01 10.82 -7.25
N THR B 93 -4.61 10.08 -8.27
CA THR B 93 -5.34 10.06 -9.56
C THR B 93 -6.72 9.49 -9.37
N ALA B 94 -6.80 8.39 -8.62
CA ALA B 94 -8.09 7.75 -8.37
C ALA B 94 -9.14 8.71 -7.79
N HIS B 95 -8.70 9.74 -7.06
CA HIS B 95 -9.64 10.73 -6.46
C HIS B 95 -10.60 11.39 -7.46
N GLU B 96 -10.09 11.75 -8.64
CA GLU B 96 -10.95 12.36 -9.66
C GLU B 96 -11.60 11.35 -10.59
N TYR B 97 -11.48 10.06 -10.29
CA TYR B 97 -12.14 9.05 -11.08
C TYR B 97 -13.20 8.37 -10.22
N ASP B 98 -14.13 7.64 -10.83
CA ASP B 98 -15.24 7.01 -10.07
C ASP B 98 -15.02 5.49 -9.86
N LEU B 99 -14.09 4.92 -10.60
CA LEU B 99 -13.90 3.50 -10.55
C LEU B 99 -12.53 3.18 -11.03
N ILE B 100 -11.94 2.17 -10.43
CA ILE B 100 -10.63 1.70 -10.76
C ILE B 100 -10.85 0.35 -11.40
N TYR B 101 -10.31 0.20 -12.60
CA TYR B 101 -10.50 -1.01 -13.43
C TYR B 101 -9.13 -1.56 -13.70
N ALA B 102 -8.82 -2.61 -12.96
CA ALA B 102 -7.48 -3.21 -13.01
C ALA B 102 -7.42 -4.33 -14.00
N ASN B 103 -6.46 -4.24 -14.92
CA ASN B 103 -6.41 -5.14 -16.08
C ASN B 103 -5.35 -6.20 -16.07
N THR B 104 -4.45 -6.14 -15.10
CA THR B 104 -3.38 -7.11 -14.92
C THR B 104 -3.11 -7.34 -13.41
N GLN B 105 -2.27 -8.31 -13.12
CA GLN B 105 -2.09 -8.75 -11.74
C GLN B 105 -1.49 -7.69 -10.85
N LYS B 106 -0.41 -7.09 -11.31
CA LYS B 106 0.25 -6.05 -10.55
C LYS B 106 -0.65 -4.81 -10.48
N ALA B 107 -1.48 -4.61 -11.51
CA ALA B 107 -2.40 -3.50 -11.49
C ALA B 107 -3.44 -3.80 -10.44
N LEU B 108 -3.74 -5.07 -10.25
CA LEU B 108 -4.72 -5.44 -9.25
C LEU B 108 -4.17 -5.12 -7.83
N VAL B 109 -2.92 -5.45 -7.61
CA VAL B 109 -2.37 -5.30 -6.28
C VAL B 109 -2.37 -3.84 -5.93
N VAL B 110 -1.83 -3.05 -6.84
CA VAL B 110 -1.82 -1.60 -6.66
C VAL B 110 -3.20 -0.98 -6.67
N GLY B 111 -4.06 -1.48 -7.56
CA GLY B 111 -5.43 -1.00 -7.66
C GLY B 111 -6.24 -1.25 -6.41
N ALA B 112 -6.04 -2.41 -5.79
CA ALA B 112 -6.77 -2.75 -4.55
C ALA B 112 -6.42 -1.79 -3.40
N ILE B 113 -5.13 -1.55 -3.23
CA ILE B 113 -4.69 -0.61 -2.22
C ILE B 113 -5.21 0.75 -2.51
N ALA B 114 -5.09 1.17 -3.76
CA ALA B 114 -5.55 2.46 -4.12
C ALA B 114 -7.03 2.58 -3.89
N SER B 115 -7.77 1.53 -4.16
CA SER B 115 -9.20 1.57 -3.98
C SER B 115 -9.62 1.80 -2.52
N PHE B 116 -9.02 1.09 -1.59
CA PHE B 116 -9.35 1.32 -0.20
C PHE B 116 -8.92 2.69 0.28
N ILE B 117 -7.73 3.14 -0.06
CA ILE B 117 -7.30 4.48 0.31
C ILE B 117 -8.04 5.63 -0.34
N ALA B 118 -8.25 5.59 -1.66
CA ALA B 118 -8.97 6.64 -2.35
C ALA B 118 -10.47 6.51 -2.26
N ARG B 119 -10.95 5.41 -1.68
CA ARG B 119 -12.40 5.13 -1.52
C ARG B 119 -13.15 5.10 -2.85
N ARG B 120 -12.67 4.26 -3.75
CA ARG B 120 -13.33 4.06 -5.02
C ARG B 120 -13.51 2.57 -5.26
N PRO B 121 -14.61 2.18 -5.90
CA PRO B 121 -14.86 0.78 -6.22
C PRO B 121 -13.83 0.26 -7.21
N LEU B 122 -13.57 -1.04 -7.13
CA LEU B 122 -12.57 -1.71 -7.91
C LEU B 122 -13.18 -2.81 -8.77
N VAL B 123 -12.81 -2.84 -10.05
CA VAL B 123 -13.12 -3.97 -10.92
C VAL B 123 -11.82 -4.64 -11.32
N TYR B 124 -11.75 -5.94 -11.13
CA TYR B 124 -10.61 -6.74 -11.57
C TYR B 124 -10.98 -7.44 -12.86
N HIS B 125 -10.36 -7.06 -13.96
CA HIS B 125 -10.54 -7.84 -15.23
C HIS B 125 -9.40 -8.85 -15.36
N LEU B 126 -9.76 -10.09 -15.15
CA LEU B 126 -8.90 -11.25 -15.15
C LEU B 126 -8.71 -11.80 -16.55
N HIS B 127 -7.49 -11.69 -17.06
CA HIS B 127 -7.11 -12.22 -18.36
C HIS B 127 -6.21 -13.45 -18.27
N ASP B 128 -5.66 -13.76 -17.10
CA ASP B 128 -4.73 -14.90 -16.98
C ASP B 128 -5.46 -16.11 -16.38
N ILE B 129 -4.95 -17.31 -16.66
CA ILE B 129 -5.28 -18.51 -15.88
C ILE B 129 -4.36 -18.50 -14.66
N LEU B 130 -4.93 -18.23 -13.49
CA LEU B 130 -4.17 -18.12 -12.24
C LEU B 130 -3.67 -19.51 -11.80
N SER B 131 -2.55 -19.93 -12.38
CA SER B 131 -2.07 -21.29 -12.27
C SER B 131 -0.78 -21.32 -11.47
N PRO B 132 -0.71 -22.26 -10.52
CA PRO B 132 0.51 -22.35 -9.70
C PRO B 132 1.78 -22.58 -10.56
N GLU B 133 1.63 -23.11 -11.77
CA GLU B 133 2.80 -23.35 -12.63
C GLU B 133 3.36 -22.11 -13.32
N HIS B 134 2.50 -21.14 -13.65
CA HIS B 134 2.99 -19.90 -14.28
C HIS B 134 3.02 -18.67 -13.36
N PHE B 135 2.38 -18.75 -12.21
CA PHE B 135 2.46 -17.69 -11.20
C PHE B 135 2.97 -18.25 -9.87
N SER B 136 3.78 -17.46 -9.16
CA SER B 136 4.26 -17.85 -7.82
C SER B 136 3.10 -17.90 -6.85
N GLN B 137 3.05 -18.96 -6.04
CA GLN B 137 2.01 -19.15 -5.02
C GLN B 137 1.88 -17.91 -4.11
N THR B 138 2.98 -17.17 -3.97
CA THR B 138 3.01 -15.87 -3.33
C THR B 138 1.96 -14.96 -3.97
N ASN B 139 2.17 -14.66 -5.25
CA ASN B 139 1.33 -13.73 -5.99
C ASN B 139 -0.10 -14.23 -6.12
N LEU B 140 -0.28 -15.55 -6.23
CA LEU B 140 -1.61 -16.12 -6.27
C LEU B 140 -2.39 -15.78 -5.01
N ARG B 141 -1.80 -16.02 -3.85
CA ARG B 141 -2.48 -15.75 -2.59
C ARG B 141 -2.80 -14.26 -2.47
N VAL B 142 -1.82 -13.39 -2.73
CA VAL B 142 -1.98 -11.94 -2.65
C VAL B 142 -3.06 -11.43 -3.61
N ALA B 143 -2.98 -11.83 -4.89
CA ALA B 143 -3.94 -11.40 -5.90
C ALA B 143 -5.36 -11.85 -5.53
N VAL B 144 -5.48 -13.12 -5.16
CA VAL B 144 -6.79 -13.67 -4.82
C VAL B 144 -7.40 -12.99 -3.59
N ASN B 145 -6.60 -12.80 -2.55
CA ASN B 145 -7.12 -12.21 -1.32
C ASN B 145 -7.51 -10.74 -1.53
N LEU B 146 -6.68 -9.99 -2.24
CA LEU B 146 -7.05 -8.60 -2.55
C LEU B 146 -8.35 -8.48 -3.36
N ALA B 147 -8.50 -9.34 -4.36
CA ALA B 147 -9.71 -9.36 -5.18
C ALA B 147 -10.92 -9.63 -4.33
N ASN B 148 -10.82 -10.73 -3.59
CA ASN B 148 -11.88 -11.21 -2.74
C ASN B 148 -12.38 -10.16 -1.79
N ARG B 149 -11.48 -9.38 -1.23
CA ARG B 149 -11.88 -8.45 -0.20
C ARG B 149 -12.18 -7.07 -0.79
N PHE B 150 -11.56 -6.70 -1.89
CA PHE B 150 -11.73 -5.31 -2.38
C PHE B 150 -12.42 -5.18 -3.73
N ALA B 151 -12.30 -6.17 -4.60
CA ALA B 151 -12.97 -6.09 -5.92
C ALA B 151 -14.47 -6.20 -5.77
N SER B 152 -15.19 -5.24 -6.34
CA SER B 152 -16.64 -5.38 -6.44
C SER B 152 -17.02 -6.42 -7.49
N LEU B 153 -16.08 -6.77 -8.36
CA LEU B 153 -16.39 -7.63 -9.50
C LEU B 153 -15.10 -8.11 -10.08
N VAL B 154 -15.10 -9.37 -10.47
CA VAL B 154 -14.02 -9.91 -11.24
C VAL B 154 -14.54 -10.37 -12.58
N ILE B 155 -14.17 -9.65 -13.63
CA ILE B 155 -14.49 -10.04 -15.01
C ILE B 155 -13.45 -11.04 -15.46
N ALA B 156 -13.87 -12.24 -15.77
CA ALA B 156 -13.01 -13.25 -16.35
C ALA B 156 -13.18 -13.34 -17.88
N ASN B 157 -12.06 -13.50 -18.60
CA ASN B 157 -12.07 -13.54 -20.07
C ASN B 157 -12.55 -14.85 -20.62
N SER B 158 -12.70 -15.84 -19.76
CA SER B 158 -13.20 -17.16 -20.13
C SER B 158 -13.60 -17.91 -18.88
N GLN B 159 -14.37 -18.97 -19.06
CA GLN B 159 -14.71 -19.90 -17.98
C GLN B 159 -13.47 -20.58 -17.39
N ALA B 160 -12.48 -20.89 -18.24
CA ALA B 160 -11.24 -21.45 -17.73
C ALA B 160 -10.54 -20.49 -16.75
N SER B 161 -10.43 -19.21 -17.11
CA SER B 161 -9.87 -18.18 -16.25
C SER B 161 -10.71 -18.07 -14.97
N GLN B 162 -12.01 -18.10 -15.16
CA GLN B 162 -12.93 -18.04 -14.04
C GLN B 162 -12.69 -19.19 -13.04
N THR B 163 -12.56 -20.42 -13.52
CA THR B 163 -12.52 -21.56 -12.59
C THR B 163 -11.17 -21.63 -11.91
N ALA B 164 -10.10 -21.32 -12.63
CA ALA B 164 -8.77 -21.30 -12.01
C ALA B 164 -8.75 -20.23 -10.89
N PHE B 165 -9.45 -19.10 -11.08
CA PHE B 165 -9.50 -18.07 -10.05
C PHE B 165 -10.15 -18.70 -8.84
N ILE B 166 -11.31 -19.30 -9.05
CA ILE B 166 -12.03 -19.98 -7.97
C ILE B 166 -11.17 -21.09 -7.30
N GLN B 167 -10.55 -21.94 -8.12
CA GLN B 167 -9.71 -23.02 -7.61
C GLN B 167 -8.55 -22.48 -6.77
N ALA B 168 -8.05 -21.29 -7.09
CA ALA B 168 -7.01 -20.69 -6.30
C ALA B 168 -7.53 -20.02 -5.02
N GLY B 169 -8.79 -20.24 -4.67
CA GLY B 169 -9.42 -19.58 -3.54
C GLY B 169 -10.18 -18.30 -3.88
N GLY B 170 -10.31 -17.97 -5.15
CA GLY B 170 -11.12 -16.80 -5.53
C GLY B 170 -12.58 -17.03 -5.19
N ARG B 171 -13.31 -16.01 -4.77
CA ARG B 171 -14.76 -16.13 -4.56
C ARG B 171 -15.59 -16.18 -5.87
N ALA B 172 -16.25 -17.32 -6.06
CA ALA B 172 -17.01 -17.60 -7.27
C ALA B 172 -18.06 -16.51 -7.58
N GLU B 173 -18.78 -16.08 -6.55
CA GLU B 173 -19.89 -15.21 -6.72
C GLU B 173 -19.52 -13.78 -7.20
N LEU B 174 -18.22 -13.48 -7.20
CA LEU B 174 -17.73 -12.20 -7.63
C LEU B 174 -17.46 -12.18 -9.12
N THR B 175 -17.43 -13.35 -9.74
CA THR B 175 -16.99 -13.44 -11.10
C THR B 175 -18.13 -13.33 -12.09
N LYS B 176 -17.78 -12.87 -13.28
CA LYS B 176 -18.65 -12.86 -14.43
C LYS B 176 -17.77 -13.02 -15.67
N VAL B 177 -18.13 -13.96 -16.54
CA VAL B 177 -17.39 -14.15 -17.78
C VAL B 177 -17.84 -13.13 -18.85
N ILE B 178 -16.89 -12.40 -19.40
CA ILE B 178 -17.09 -11.54 -20.57
C ILE B 178 -15.89 -11.78 -21.48
N TYR B 179 -16.17 -12.28 -22.69
CA TYR B 179 -15.17 -12.64 -23.66
C TYR B 179 -14.59 -11.38 -24.27
N ASN B 180 -13.41 -11.50 -24.90
CA ASN B 180 -12.89 -10.38 -25.67
C ASN B 180 -13.82 -10.07 -26.85
N GLY B 181 -13.95 -8.81 -27.21
CA GLY B 181 -14.79 -8.39 -28.31
C GLY B 181 -13.96 -7.96 -29.52
N PHE B 182 -14.54 -8.11 -30.71
CA PHE B 182 -13.86 -7.79 -31.98
C PHE B 182 -14.74 -7.00 -32.94
N ASP B 183 -14.14 -6.09 -33.71
CA ASP B 183 -14.86 -5.38 -34.76
C ASP B 183 -14.98 -6.32 -35.95
N ILE B 184 -16.15 -6.93 -36.09
CA ILE B 184 -16.23 -8.11 -37.00
C ILE B 184 -15.89 -7.80 -38.46
N ASN B 185 -16.21 -6.60 -38.92
CA ASN B 185 -16.01 -6.23 -40.30
C ASN B 185 -14.54 -6.01 -40.68
N LEU B 186 -13.67 -5.85 -39.69
CA LEU B 186 -12.23 -5.77 -39.99
C LEU B 186 -11.71 -7.10 -40.48
N TYR B 187 -12.41 -8.18 -40.20
CA TYR B 187 -11.89 -9.52 -40.55
C TYR B 187 -12.34 -10.04 -41.91
N LYS B 188 -12.83 -9.14 -42.73
CA LYS B 188 -13.34 -9.49 -44.04
C LYS B 188 -12.39 -8.95 -45.12
N THR B 189 -12.00 -9.85 -46.01
CA THR B 189 -11.07 -9.62 -47.08
C THR B 189 -11.62 -10.21 -48.39
N SER B 190 -11.52 -9.45 -49.47
CA SER B 190 -11.94 -9.92 -50.80
C SER B 190 -11.06 -11.05 -51.33
N PRO B 191 -11.65 -11.99 -52.10
CA PRO B 191 -10.91 -13.07 -52.77
C PRO B 191 -9.69 -12.61 -53.59
N SER B 192 -9.79 -11.45 -54.25
CA SER B 192 -8.69 -10.89 -55.03
C SER B 192 -7.48 -10.43 -54.20
N ASP B 193 -7.73 -9.64 -53.13
CA ASP B 193 -6.69 -9.28 -52.16
C ASP B 193 -6.01 -10.53 -51.59
N ILE B 194 -6.81 -11.55 -51.30
CA ILE B 194 -6.26 -12.82 -50.81
C ILE B 194 -5.28 -13.38 -51.83
N SER B 195 -5.72 -13.39 -53.09
CA SER B 195 -4.96 -14.03 -54.17
C SER B 195 -3.64 -13.32 -54.39
N LYS B 196 -3.68 -12.00 -54.41
CA LYS B 196 -2.50 -11.22 -54.65
C LYS B 196 -1.48 -11.31 -53.50
N LEU B 197 -1.98 -11.37 -52.28
CA LEU B 197 -1.12 -11.48 -51.14
C LEU B 197 -0.47 -12.86 -51.14
N ARG B 198 -1.26 -13.89 -51.44
CA ARG B 198 -0.69 -15.22 -51.48
C ARG B 198 0.43 -15.31 -52.52
N GLN B 199 0.29 -14.59 -53.64
CA GLN B 199 1.31 -14.60 -54.68
C GLN B 199 2.59 -13.92 -54.18
N GLN B 200 2.44 -12.71 -53.63
CA GLN B 200 3.53 -12.00 -52.94
C GLN B 200 4.24 -12.78 -51.84
N LEU B 201 3.57 -13.77 -51.27
CA LEU B 201 4.19 -14.60 -50.28
C LEU B 201 4.67 -15.87 -50.91
N GLY B 202 4.42 -16.05 -52.21
CA GLY B 202 4.86 -17.25 -52.91
C GLY B 202 4.25 -18.50 -52.36
N VAL B 203 2.98 -18.44 -52.02
CA VAL B 203 2.32 -19.62 -51.48
C VAL B 203 1.03 -19.91 -52.22
N ALA B 204 0.93 -19.37 -53.44
CA ALA B 204 -0.36 -19.38 -54.16
C ALA B 204 -0.81 -20.79 -54.44
N ASN B 205 0.16 -21.69 -54.62
CA ASN B 205 -0.12 -23.09 -54.92
C ASN B 205 0.15 -23.96 -53.73
N ASN B 206 0.17 -23.39 -52.54
CA ASN B 206 0.41 -24.17 -51.32
C ASN B 206 -0.81 -24.31 -50.46
N PHE B 207 -0.79 -25.31 -49.60
CA PHE B 207 -1.72 -25.32 -48.49
C PHE B 207 -1.06 -24.64 -47.28
N VAL B 208 -1.47 -23.39 -47.00
CA VAL B 208 -0.83 -22.57 -45.98
C VAL B 208 -1.50 -22.72 -44.62
N VAL B 209 -0.70 -23.09 -43.65
CA VAL B 209 -1.16 -23.10 -42.27
C VAL B 209 -0.54 -21.90 -41.56
N GLY B 210 -1.36 -21.05 -40.98
CA GLY B 210 -0.88 -19.80 -40.38
C GLY B 210 -0.85 -19.93 -38.88
N HIS B 211 0.24 -19.42 -38.28
CA HIS B 211 0.41 -19.42 -36.84
C HIS B 211 0.66 -18.00 -36.43
N PHE B 212 -0.19 -17.49 -35.55
CA PHE B 212 -0.21 -16.05 -35.26
C PHE B 212 -0.02 -15.88 -33.78
N SER B 213 1.24 -15.69 -33.40
CA SER B 213 1.60 -15.64 -31.99
C SER B 213 3.04 -15.19 -31.85
N ARG B 214 3.31 -14.46 -30.78
CA ARG B 214 4.69 -14.19 -30.42
C ARG B 214 5.40 -15.54 -30.21
N LEU B 215 6.65 -15.58 -30.64
CA LEU B 215 7.44 -16.81 -30.58
C LEU B 215 7.85 -17.08 -29.11
N SER B 216 7.27 -18.13 -28.57
CA SER B 216 7.53 -18.51 -27.22
C SER B 216 7.19 -19.98 -27.09
N PRO B 217 7.97 -20.72 -26.30
CA PRO B 217 7.82 -22.17 -26.16
C PRO B 217 6.40 -22.62 -25.81
N TRP B 218 5.74 -21.86 -24.94
CA TRP B 218 4.39 -22.22 -24.53
C TRP B 218 3.37 -21.96 -25.64
N LYS B 219 3.76 -21.24 -26.69
CA LYS B 219 2.92 -21.03 -27.89
C LYS B 219 3.04 -22.17 -28.90
N GLY B 220 4.06 -23.00 -28.75
CA GLY B 220 4.13 -24.27 -29.44
C GLY B 220 4.38 -24.24 -30.94
N GLN B 221 5.05 -23.22 -31.44
CA GLN B 221 5.33 -23.17 -32.85
C GLN B 221 6.10 -24.39 -33.30
N HIS B 222 6.90 -24.95 -32.39
CA HIS B 222 7.65 -26.16 -32.67
C HIS B 222 6.74 -27.36 -32.96
N ILE B 223 5.55 -27.38 -32.35
CA ILE B 223 4.55 -28.44 -32.62
C ILE B 223 4.08 -28.33 -34.06
N LEU B 224 3.79 -27.11 -34.50
CA LEU B 224 3.36 -26.97 -35.90
C LEU B 224 4.48 -27.43 -36.84
N ILE B 225 5.71 -27.02 -36.54
CA ILE B 225 6.87 -27.47 -37.32
C ILE B 225 7.00 -29.01 -37.37
N ASP B 226 6.88 -29.69 -36.24
CA ASP B 226 6.89 -31.17 -36.28
C ASP B 226 5.75 -31.78 -37.08
N ALA B 227 4.56 -31.18 -37.01
CA ALA B 227 3.42 -31.65 -37.78
C ALA B 227 3.68 -31.44 -39.27
N LEU B 228 4.30 -30.33 -39.61
CA LEU B 228 4.57 -30.02 -41.01
C LEU B 228 5.46 -31.11 -41.66
N ALA B 229 6.30 -31.75 -40.84
CA ALA B 229 7.09 -32.91 -41.25
C ALA B 229 6.25 -34.10 -41.69
N GLN B 230 5.04 -34.21 -41.19
CA GLN B 230 4.17 -35.33 -41.52
C GLN B 230 3.07 -34.92 -42.48
N CYS B 231 3.27 -33.83 -43.18
CA CYS B 231 2.26 -33.34 -44.09
C CYS B 231 2.75 -33.49 -45.51
N PRO B 232 1.82 -33.62 -46.46
CA PRO B 232 2.18 -33.54 -47.86
C PRO B 232 3.07 -32.32 -48.14
N PRO B 233 3.83 -32.39 -49.23
CA PRO B 233 4.84 -31.38 -49.51
C PRO B 233 4.26 -30.00 -49.84
N GLN B 234 3.00 -29.95 -50.30
CA GLN B 234 2.41 -28.65 -50.64
C GLN B 234 2.02 -27.80 -49.41
N VAL B 235 2.20 -28.36 -48.21
CA VAL B 235 1.84 -27.68 -46.99
C VAL B 235 3.02 -26.80 -46.58
N THR B 236 2.72 -25.55 -46.34
CA THR B 236 3.68 -24.59 -45.83
C THR B 236 3.08 -23.85 -44.67
N ALA B 237 3.96 -23.19 -43.93
CA ALA B 237 3.60 -22.53 -42.69
C ALA B 237 4.13 -21.11 -42.68
N ILE B 238 3.34 -20.24 -42.07
CA ILE B 238 3.74 -18.88 -41.85
C ILE B 238 3.65 -18.64 -40.36
N LEU B 239 4.77 -18.17 -39.79
CA LEU B 239 4.85 -17.83 -38.38
C LEU B 239 4.82 -16.33 -38.34
N VAL B 240 3.72 -15.81 -37.80
CA VAL B 240 3.55 -14.38 -37.70
C VAL B 240 3.65 -14.02 -36.24
N GLY B 241 4.50 -13.02 -35.96
CA GLY B 241 4.82 -12.64 -34.59
C GLY B 241 6.33 -12.46 -34.43
N ASP B 242 6.71 -11.62 -33.50
CA ASP B 242 8.14 -11.41 -33.18
C ASP B 242 8.50 -12.17 -31.92
N ALA B 243 9.80 -12.23 -31.65
CA ALA B 243 10.32 -13.00 -30.53
C ALA B 243 10.26 -12.18 -29.25
N LEU B 244 9.75 -12.83 -28.21
CA LEU B 244 9.65 -12.19 -26.90
C LEU B 244 11.04 -12.06 -26.29
N PHE B 245 11.26 -10.96 -25.56
CA PHE B 245 12.51 -10.71 -24.83
C PHE B 245 12.81 -11.91 -23.91
N GLY B 246 13.88 -12.62 -24.22
CA GLY B 246 14.31 -13.77 -23.43
C GLY B 246 14.03 -15.11 -24.07
N GLU B 247 13.39 -15.12 -25.23
CA GLU B 247 13.03 -16.36 -25.91
C GLU B 247 13.90 -16.68 -27.11
N GLN B 248 15.00 -15.94 -27.29
CA GLN B 248 15.88 -16.11 -28.46
C GLN B 248 16.56 -17.48 -28.54
N ASP B 249 16.64 -18.18 -27.40
CA ASP B 249 17.02 -19.58 -27.40
C ASP B 249 15.97 -20.39 -28.15
N TYR B 250 14.70 -20.12 -27.85
CA TYR B 250 13.60 -20.81 -28.50
C TYR B 250 13.59 -20.58 -30.02
N VAL B 251 13.70 -19.33 -30.42
CA VAL B 251 13.70 -19.00 -31.83
C VAL B 251 14.87 -19.67 -32.53
N LYS B 252 15.96 -19.86 -31.78
CA LYS B 252 17.11 -20.58 -32.31
C LYS B 252 16.82 -22.08 -32.43
N GLU B 253 16.18 -22.66 -31.41
CA GLU B 253 15.74 -24.06 -31.50
C GLU B 253 14.83 -24.34 -32.69
N LEU B 254 14.00 -23.35 -33.08
CA LEU B 254 13.06 -23.55 -34.18
C LEU B 254 13.83 -23.64 -35.46
N HIS B 255 14.70 -22.66 -35.69
CA HIS B 255 15.44 -22.57 -36.94
C HIS B 255 16.26 -23.83 -37.17
N GLN B 256 16.69 -24.45 -36.07
CA GLN B 256 17.50 -25.65 -36.12
C GLN B 256 16.61 -26.84 -36.31
N GLN B 257 15.51 -26.86 -35.57
CA GLN B 257 14.46 -27.84 -35.80
C GLN B 257 14.09 -27.89 -37.29
N ILE B 258 13.77 -26.72 -37.83
CA ILE B 258 13.40 -26.58 -39.23
C ILE B 258 14.51 -27.15 -40.12
N THR B 259 15.73 -26.59 -40.04
CA THR B 259 16.86 -27.05 -40.86
C THR B 259 17.07 -28.55 -40.73
N ARG B 260 17.00 -29.05 -39.50
CA ARG B 260 17.02 -30.48 -39.27
C ARG B 260 16.04 -31.20 -40.20
N LEU B 261 14.82 -30.67 -40.35
CA LEU B 261 13.74 -31.38 -41.09
C LEU B 261 13.61 -31.00 -42.58
N GLY B 262 14.54 -30.18 -43.06
CA GLY B 262 14.49 -29.72 -44.45
C GLY B 262 13.28 -28.85 -44.73
N LEU B 263 12.76 -28.17 -43.72
CA LEU B 263 11.55 -27.38 -43.91
C LEU B 263 11.83 -25.93 -44.16
N GLU B 264 13.09 -25.59 -44.39
CA GLU B 264 13.51 -24.18 -44.49
C GLU B 264 12.76 -23.35 -45.55
N ASN B 265 12.31 -24.01 -46.60
CA ASN B 265 11.60 -23.31 -47.67
C ASN B 265 10.07 -23.43 -47.57
N ARG B 266 9.61 -24.12 -46.53
CA ARG B 266 8.20 -24.34 -46.29
C ARG B 266 7.72 -23.70 -44.97
N VAL B 267 8.53 -22.79 -44.41
CA VAL B 267 8.19 -22.04 -43.18
C VAL B 267 8.71 -20.61 -43.36
N LYS B 268 7.82 -19.63 -43.19
CA LYS B 268 8.18 -18.20 -43.23
C LYS B 268 8.03 -17.55 -41.87
N PHE B 269 9.04 -16.79 -41.45
CA PHE B 269 8.96 -16.01 -40.23
C PHE B 269 8.74 -14.61 -40.69
N LEU B 270 7.50 -14.15 -40.62
CA LEU B 270 7.18 -12.81 -41.09
C LEU B 270 7.53 -11.76 -40.06
N GLY B 271 7.80 -12.20 -38.84
CA GLY B 271 8.01 -11.24 -37.75
C GLY B 271 6.69 -10.56 -37.41
N PHE B 272 6.76 -9.49 -36.65
CA PHE B 272 5.55 -8.84 -36.22
C PHE B 272 4.82 -8.23 -37.38
N ARG B 273 3.50 -8.41 -37.36
CA ARG B 273 2.62 -7.89 -38.40
C ARG B 273 1.37 -7.27 -37.76
N ALA B 274 0.95 -6.13 -38.29
CA ALA B 274 -0.28 -5.46 -37.86
C ALA B 274 -1.43 -5.83 -38.78
N ASP B 275 -1.13 -6.36 -39.96
CA ASP B 275 -2.15 -6.69 -40.95
C ASP B 275 -2.60 -8.16 -40.82
N ILE B 276 -2.96 -8.55 -39.59
CA ILE B 276 -3.31 -9.93 -39.26
C ILE B 276 -4.55 -10.50 -40.01
N PRO B 277 -5.66 -9.77 -40.06
CA PRO B 277 -6.82 -10.28 -40.83
C PRO B 277 -6.46 -10.63 -42.27
N GLN B 278 -5.70 -9.77 -42.93
CA GLN B 278 -5.31 -10.00 -44.34
C GLN B 278 -4.42 -11.22 -44.47
N LEU B 279 -3.45 -11.33 -43.57
CA LEU B 279 -2.57 -12.51 -43.59
C LEU B 279 -3.34 -13.80 -43.27
N MET B 280 -4.32 -13.72 -42.36
CA MET B 280 -5.12 -14.91 -42.02
C MET B 280 -5.97 -15.37 -43.23
N ALA B 281 -6.48 -14.38 -43.98
CA ALA B 281 -7.27 -14.61 -45.17
C ALA B 281 -6.47 -15.31 -46.25
N ALA B 282 -5.17 -15.01 -46.30
CA ALA B 282 -4.26 -15.69 -47.20
C ALA B 282 -3.93 -17.14 -46.79
N CYS B 283 -4.31 -17.55 -45.59
CA CYS B 283 -4.07 -18.91 -45.15
C CYS B 283 -5.21 -19.83 -45.54
N ASP B 284 -4.99 -21.13 -45.37
CA ASP B 284 -5.95 -22.16 -45.65
C ASP B 284 -6.44 -22.81 -44.36
N LEU B 285 -5.60 -22.76 -43.33
CA LEU B 285 -5.95 -23.14 -42.00
C LEU B 285 -5.16 -22.22 -41.03
N VAL B 286 -5.74 -21.88 -39.87
CA VAL B 286 -5.05 -21.13 -38.81
C VAL B 286 -4.83 -22.08 -37.66
N ALA B 287 -3.58 -22.22 -37.21
CA ALA B 287 -3.31 -23.19 -36.15
C ALA B 287 -2.90 -22.49 -34.87
N HIS B 288 -3.52 -22.92 -33.78
CA HIS B 288 -3.22 -22.47 -32.42
C HIS B 288 -2.78 -23.73 -31.71
N THR B 289 -1.52 -23.76 -31.26
CA THR B 289 -0.85 -25.01 -30.86
C THR B 289 -0.19 -24.87 -29.48
N SER B 290 -0.84 -24.13 -28.58
CA SER B 290 -0.24 -23.83 -27.30
C SER B 290 -0.07 -25.08 -26.50
N THR B 291 1.07 -25.15 -25.80
CA THR B 291 1.40 -26.31 -24.95
C THR B 291 0.99 -26.08 -23.49
N ALA B 292 0.74 -24.83 -23.11
CA ALA B 292 0.11 -24.57 -21.81
C ALA B 292 -1.31 -24.02 -22.03
N PRO B 293 -2.26 -24.35 -21.13
CA PRO B 293 -3.65 -23.83 -21.24
C PRO B 293 -3.75 -22.32 -21.53
N GLU B 294 -4.51 -21.96 -22.56
CA GLU B 294 -4.69 -20.58 -22.99
C GLU B 294 -5.92 -19.99 -22.31
N PRO B 295 -5.80 -18.82 -21.66
CA PRO B 295 -6.98 -18.18 -21.04
C PRO B 295 -8.09 -17.89 -22.05
N PHE B 296 -7.72 -17.34 -23.21
CA PHE B 296 -8.63 -17.00 -24.30
C PHE B 296 -7.73 -16.81 -25.53
N GLY B 297 -7.84 -17.63 -26.53
CA GLY B 297 -7.00 -17.32 -27.73
C GLY B 297 -7.62 -16.27 -28.66
N ARG B 298 -7.19 -15.02 -28.56
CA ARG B 298 -7.68 -13.99 -29.49
C ARG B 298 -7.55 -14.42 -30.95
N VAL B 299 -6.40 -15.02 -31.29
CA VAL B 299 -6.12 -15.44 -32.67
C VAL B 299 -7.09 -16.52 -33.18
N ILE B 300 -7.61 -17.31 -32.26
CA ILE B 300 -8.58 -18.31 -32.59
C ILE B 300 -9.86 -17.60 -33.10
N VAL B 301 -10.38 -16.68 -32.29
CA VAL B 301 -11.59 -15.93 -32.64
C VAL B 301 -11.33 -15.10 -33.88
N GLU B 302 -10.15 -14.48 -33.97
CA GLU B 302 -9.83 -13.73 -35.18
C GLU B 302 -9.91 -14.59 -36.47
N ALA B 303 -9.44 -15.81 -36.36
CA ALA B 303 -9.42 -16.72 -37.49
C ALA B 303 -10.84 -17.10 -37.87
N MET B 304 -11.65 -17.39 -36.85
CA MET B 304 -13.09 -17.66 -37.08
C MET B 304 -13.77 -16.48 -37.76
N LEU B 305 -13.50 -15.26 -37.30
CA LEU B 305 -14.09 -14.07 -37.95
C LEU B 305 -13.66 -13.88 -39.40
N CYS B 306 -12.47 -14.39 -39.75
CA CYS B 306 -11.96 -14.36 -41.11
C CYS B 306 -12.56 -15.43 -41.99
N GLY B 307 -13.45 -16.23 -41.42
CA GLY B 307 -14.04 -17.34 -42.13
C GLY B 307 -13.06 -18.43 -42.47
N LYS B 308 -12.10 -18.69 -41.58
CA LYS B 308 -11.07 -19.74 -41.80
C LYS B 308 -11.29 -20.96 -40.93
N PRO B 309 -10.92 -22.11 -41.46
CA PRO B 309 -10.88 -23.26 -40.59
C PRO B 309 -9.81 -22.96 -39.53
N VAL B 310 -10.07 -23.40 -38.31
CA VAL B 310 -9.13 -23.21 -37.23
C VAL B 310 -8.95 -24.50 -36.40
N VAL B 311 -7.71 -24.76 -36.00
CA VAL B 311 -7.40 -25.91 -35.14
C VAL B 311 -6.70 -25.34 -33.91
N ALA B 312 -7.04 -25.87 -32.75
CA ALA B 312 -6.62 -25.28 -31.50
C ALA B 312 -6.32 -26.38 -30.54
N ALA B 313 -5.41 -26.10 -29.62
CA ALA B 313 -5.07 -27.05 -28.57
C ALA B 313 -6.22 -27.12 -27.61
N LYS B 314 -6.56 -28.34 -27.22
CA LYS B 314 -7.71 -28.65 -26.38
C LYS B 314 -7.41 -28.46 -24.89
N ALA B 315 -7.22 -27.21 -24.52
CA ALA B 315 -7.07 -26.79 -23.12
C ALA B 315 -7.54 -25.34 -22.99
N GLY B 316 -7.77 -24.91 -21.75
CA GLY B 316 -8.10 -23.53 -21.45
C GLY B 316 -9.33 -23.03 -22.22
N GLY B 317 -9.33 -21.73 -22.52
CA GLY B 317 -10.46 -21.09 -23.19
C GLY B 317 -10.77 -21.62 -24.58
N ALA B 318 -9.81 -22.30 -25.21
CA ALA B 318 -9.95 -22.71 -26.60
C ALA B 318 -11.09 -23.67 -26.71
N MET B 319 -11.22 -24.51 -25.68
CA MET B 319 -12.34 -25.42 -25.59
C MET B 319 -13.70 -24.74 -25.51
N GLU B 320 -13.77 -23.49 -25.06
CA GLU B 320 -15.06 -22.77 -25.03
C GLU B 320 -15.30 -22.07 -26.36
N LEU B 321 -14.24 -21.83 -27.12
CA LEU B 321 -14.31 -21.11 -28.37
C LEU B 321 -14.71 -21.99 -29.55
N VAL B 322 -14.30 -23.25 -29.53
CA VAL B 322 -14.45 -24.13 -30.70
C VAL B 322 -15.23 -25.31 -30.22
N GLU B 323 -16.23 -25.70 -30.99
CA GLU B 323 -16.86 -27.01 -30.86
C GLU B 323 -16.35 -27.92 -31.98
N HIS B 324 -15.72 -29.03 -31.57
CA HIS B 324 -14.96 -29.86 -32.49
C HIS B 324 -15.81 -30.37 -33.63
N GLY B 325 -15.37 -30.11 -34.85
CA GLY B 325 -16.12 -30.53 -36.04
C GLY B 325 -17.22 -29.56 -36.50
N VAL B 326 -17.57 -28.61 -35.66
CA VAL B 326 -18.71 -27.72 -36.00
C VAL B 326 -18.16 -26.43 -36.57
N ASN B 327 -17.28 -25.78 -35.82
CA ASN B 327 -16.74 -24.50 -36.19
C ASN B 327 -15.21 -24.40 -36.04
N GLY B 328 -14.58 -25.54 -35.86
CA GLY B 328 -13.15 -25.64 -35.93
C GLY B 328 -12.79 -27.00 -35.38
N PHE B 329 -11.50 -27.21 -35.11
CA PHE B 329 -10.97 -28.49 -34.65
C PHE B 329 -10.16 -28.30 -33.38
N LEU B 330 -10.18 -29.30 -32.51
CA LEU B 330 -9.48 -29.34 -31.23
C LEU B 330 -8.56 -30.54 -31.23
N THR B 331 -7.32 -30.36 -30.78
CA THR B 331 -6.32 -31.45 -30.73
C THR B 331 -5.58 -31.41 -29.42
N THR B 332 -5.14 -32.56 -28.98
CA THR B 332 -4.46 -32.66 -27.72
C THR B 332 -3.20 -31.81 -27.76
N PRO B 333 -3.00 -30.99 -26.73
CA PRO B 333 -1.87 -30.07 -26.80
C PRO B 333 -0.51 -30.80 -26.82
N GLY B 334 0.43 -30.28 -27.62
CA GLY B 334 1.73 -30.89 -27.80
C GLY B 334 1.78 -32.10 -28.74
N GLU B 335 0.64 -32.60 -29.25
CA GLU B 335 0.65 -33.79 -30.12
C GLU B 335 0.71 -33.44 -31.61
N SER B 336 1.92 -33.45 -32.16
CA SER B 336 2.15 -33.03 -33.54
C SER B 336 1.45 -33.91 -34.60
N GLN B 337 1.33 -35.21 -34.35
CA GLN B 337 0.66 -36.13 -35.30
C GLN B 337 -0.83 -35.82 -35.41
N GLU B 338 -1.47 -35.67 -34.26
CA GLU B 338 -2.86 -35.28 -34.22
C GLU B 338 -3.11 -33.98 -34.99
N LEU B 339 -2.18 -33.02 -34.88
CA LEU B 339 -2.25 -31.81 -35.69
C LEU B 339 -2.06 -32.09 -37.19
N ALA B 340 -1.15 -32.99 -37.54
CA ALA B 340 -0.98 -33.35 -38.94
C ALA B 340 -2.25 -33.96 -39.52
N ASN B 341 -2.92 -34.79 -38.73
CA ASN B 341 -4.18 -35.40 -39.14
C ASN B 341 -5.30 -34.39 -39.47
N ILE B 342 -5.43 -33.35 -38.67
CA ILE B 342 -6.42 -32.33 -38.95
C ILE B 342 -6.02 -31.60 -40.21
N ILE B 343 -4.73 -31.28 -40.33
CA ILE B 343 -4.24 -30.59 -41.53
C ILE B 343 -4.62 -31.39 -42.77
N ASN B 344 -4.39 -32.70 -42.71
CA ASN B 344 -4.68 -33.59 -43.83
C ASN B 344 -6.15 -33.74 -44.10
N THR B 345 -6.95 -33.76 -43.05
CA THR B 345 -8.39 -33.81 -43.19
C THR B 345 -8.93 -32.56 -43.89
N CYS B 346 -8.38 -31.39 -43.54
CA CYS B 346 -8.72 -30.17 -44.24
C CYS B 346 -8.36 -30.25 -45.71
N ILE B 347 -7.25 -30.94 -46.04
CA ILE B 347 -6.78 -31.03 -47.44
C ILE B 347 -7.66 -31.96 -48.23
N GLU B 348 -8.07 -33.05 -47.59
CA GLU B 348 -8.89 -34.08 -48.27
C GLU B 348 -10.39 -33.71 -48.32
N ASP B 349 -10.93 -33.15 -47.23
CA ASP B 349 -12.37 -32.87 -47.11
C ASP B 349 -12.65 -31.39 -47.33
N THR B 350 -12.49 -30.96 -48.58
CA THR B 350 -12.63 -29.55 -48.95
C THR B 350 -13.97 -28.95 -48.53
N GLN B 351 -15.03 -29.69 -48.79
CA GLN B 351 -16.40 -29.18 -48.64
C GLN B 351 -16.78 -29.04 -47.16
N LYS B 352 -16.52 -30.10 -46.39
CA LYS B 352 -16.77 -30.12 -44.96
C LYS B 352 -15.99 -28.98 -44.26
N THR B 353 -14.76 -28.78 -44.71
CA THR B 353 -13.92 -27.77 -44.15
C THR B 353 -14.46 -26.36 -44.41
N ALA B 354 -14.86 -26.09 -45.65
CA ALA B 354 -15.45 -24.80 -46.00
C ALA B 354 -16.73 -24.53 -45.17
N THR B 355 -17.49 -25.59 -44.91
CA THR B 355 -18.71 -25.48 -44.12
C THR B 355 -18.39 -25.11 -42.68
N ILE B 356 -17.40 -25.81 -42.14
CA ILE B 356 -16.93 -25.54 -40.82
C ILE B 356 -16.46 -24.11 -40.70
N ALA B 357 -15.65 -23.67 -41.65
CA ALA B 357 -15.13 -22.34 -41.67
C ALA B 357 -16.26 -21.28 -41.75
N SER B 358 -17.29 -21.56 -42.52
CA SER B 358 -18.44 -20.67 -42.65
C SER B 358 -19.22 -20.65 -41.32
N ASN B 359 -19.43 -21.81 -40.72
CA ASN B 359 -20.01 -21.87 -39.39
C ASN B 359 -19.25 -21.00 -38.39
N ALA B 360 -17.93 -21.01 -38.48
CA ALA B 360 -17.13 -20.34 -37.51
C ALA B 360 -17.31 -18.83 -37.61
N GLN B 361 -17.46 -18.34 -38.82
CA GLN B 361 -17.66 -16.91 -39.02
C GLN B 361 -19.00 -16.46 -38.42
N ALA B 362 -20.02 -17.28 -38.61
CA ALA B 362 -21.38 -16.96 -38.10
C ALA B 362 -21.43 -16.98 -36.58
N ILE B 363 -20.90 -18.04 -35.97
CA ILE B 363 -20.93 -18.17 -34.54
C ILE B 363 -20.06 -17.09 -33.86
N ALA B 364 -18.84 -16.88 -34.38
CA ALA B 364 -17.95 -15.89 -33.82
C ALA B 364 -18.50 -14.49 -33.95
N SER B 365 -19.12 -14.18 -35.09
CA SER B 365 -19.81 -12.86 -35.18
C SER B 365 -20.88 -12.64 -34.12
N GLN B 366 -21.59 -13.70 -33.74
CA GLN B 366 -22.65 -13.63 -32.74
C GLN B 366 -22.09 -13.50 -31.32
N ARG B 367 -21.04 -14.25 -31.04
CA ARG B 367 -20.50 -14.35 -29.72
C ARG B 367 -19.50 -13.29 -29.34
N PHE B 368 -18.71 -12.79 -30.30
CA PHE B 368 -17.58 -11.98 -29.96
C PHE B 368 -17.62 -10.62 -30.66
N ASP B 369 -18.78 -10.23 -31.11
CA ASP B 369 -18.95 -8.88 -31.64
C ASP B 369 -18.63 -7.84 -30.55
N VAL B 370 -17.68 -6.95 -30.82
CA VAL B 370 -17.33 -5.90 -29.87
C VAL B 370 -18.55 -5.09 -29.43
N VAL B 371 -19.51 -4.90 -30.33
CA VAL B 371 -20.72 -4.14 -29.99
C VAL B 371 -21.46 -4.84 -28.82
N THR B 372 -21.59 -6.15 -28.91
CA THR B 372 -22.25 -6.95 -27.87
C THR B 372 -21.44 -7.00 -26.55
N ILE B 373 -20.15 -7.27 -26.71
CA ILE B 373 -19.23 -7.23 -25.59
C ILE B 373 -19.21 -5.88 -24.89
N ASN B 374 -19.13 -4.77 -25.62
CA ASN B 374 -19.19 -3.48 -24.97
C ASN B 374 -20.51 -3.31 -24.21
N GLN B 375 -21.61 -3.83 -24.76
CA GLN B 375 -22.91 -3.79 -24.04
C GLN B 375 -22.87 -4.58 -22.75
N GLN B 376 -22.25 -5.73 -22.77
CA GLN B 376 -22.16 -6.54 -21.55
C GLN B 376 -21.31 -5.83 -20.45
N ILE B 377 -20.17 -5.28 -20.88
CA ILE B 377 -19.36 -4.50 -20.03
C ILE B 377 -20.12 -3.33 -19.44
N ALA B 378 -20.79 -2.57 -20.28
CA ALA B 378 -21.55 -1.38 -19.82
C ALA B 378 -22.60 -1.77 -18.78
N GLU B 379 -23.38 -2.78 -19.11
CA GLU B 379 -24.41 -3.29 -18.20
C GLU B 379 -23.82 -3.74 -16.90
N THR B 380 -22.73 -4.45 -16.97
CA THR B 380 -22.14 -5.00 -15.76
C THR B 380 -21.64 -3.86 -14.88
N LEU B 381 -20.97 -2.87 -15.46
CA LEU B 381 -20.48 -1.72 -14.75
C LEU B 381 -21.62 -0.90 -14.15
N SER B 382 -22.69 -0.72 -14.92
CA SER B 382 -23.76 0.13 -14.44
C SER B 382 -24.49 -0.58 -13.29
N SER B 383 -24.46 -1.91 -13.23
CA SER B 383 -25.16 -2.64 -12.17
C SER B 383 -24.41 -2.62 -10.82
N LEU B 384 -23.21 -2.04 -10.81
CA LEU B 384 -22.50 -1.75 -9.56
C LEU B 384 -23.08 -0.53 -8.84
C1 GOL C . 4.67 11.83 25.32
O1 GOL C . 5.02 12.83 24.36
C2 GOL C . 3.38 11.19 24.88
O2 GOL C . 2.88 12.06 23.86
C3 GOL C . 3.53 9.79 24.28
O3 GOL C . 2.33 9.01 24.46
N1 UDP D . -0.78 -10.19 -32.95
C2 UDP D . -0.37 -9.14 -33.79
N3 UDP D . 0.71 -9.29 -34.59
C4 UDP D . 1.43 -10.43 -34.57
C5 UDP D . 1.07 -11.48 -33.73
C6 UDP D . -0.07 -11.34 -32.93
O2 UDP D . -0.99 -8.06 -33.85
O4 UDP D . 2.44 -10.51 -35.31
C1' UDP D . -1.99 -10.04 -32.11
C2' UDP D . -3.14 -11.01 -32.45
O2' UDP D . -3.90 -10.58 -33.58
C3' UDP D . -3.93 -11.02 -31.15
C4' UDP D . -2.85 -10.82 -30.08
O4' UDP D . -1.73 -10.28 -30.73
O3' UDP D . -4.88 -9.93 -31.17
C5' UDP D . -2.37 -12.11 -29.46
O5' UDP D . -3.43 -12.54 -28.62
PA UDP D . -3.60 -14.03 -28.07
O1A UDP D . -3.87 -14.93 -29.28
O2A UDP D . -4.74 -13.96 -27.09
O3A UDP D . -2.14 -14.36 -27.42
PB UDP D . -1.68 -14.18 -25.85
O1B UDP D . -0.45 -15.04 -25.75
O2B UDP D . -2.84 -14.74 -25.05
O3B UDP D . -1.43 -12.70 -25.72
C1 GOL E . -5.63 -13.66 -23.21
O1 GOL E . -5.63 -14.71 -24.20
C2 GOL E . -5.91 -12.29 -23.81
O2 GOL E . -5.40 -12.23 -25.12
C3 GOL E . -7.39 -11.98 -23.93
O3 GOL E . -7.95 -11.54 -22.67
#